data_7U0L
#
_entry.id   7U0L
#
_cell.length_a   101.431
_cell.length_b   107.329
_cell.length_c   239.229
_cell.angle_alpha   90.000
_cell.angle_beta   90.000
_cell.angle_gamma   90.000
#
_symmetry.space_group_name_H-M   'P 21 2 21'
#
loop_
_entity.id
_entity.type
_entity.pdbx_description
1 polymer 'Aminopeptidase N'
2 polymer 'Spike glycoprotein'
3 branched alpha-D-mannopyranose-(1-3)-beta-D-galactopyranose-(1-4)-2-acetamido-2-deoxy-beta-D-glucopyranose-(1-4)-2-acetamido-2-deoxy-beta-D-glucopyranose
4 branched alpha-D-mannopyranose-(1-3)-[alpha-D-mannopyranose-(1-6)]beta-D-mannopyranose-(1-4)-2-acetamido-2-deoxy-beta-D-glucopyranose-(1-4)-2-acetamido-2-deoxy-beta-D-glucopyranose
5 branched alpha-D-mannopyranose-(1-3)-[alpha-D-mannopyranose-(1-6)]beta-D-mannopyranose-(1-4)-2-acetamido-2-deoxy-beta-D-glucopyranose-(1-4)-[alpha-L-fucopyranose-(1-6)]2-acetamido-2-deoxy-beta-D-glucopyranose
6 branched beta-D-mannopyranose-(1-4)-2-acetamido-2-deoxy-beta-D-glucopyranose-(1-4)-2-acetamido-2-deoxy-beta-D-glucopyranose
7 branched 2-acetamido-2-deoxy-beta-D-glucopyranose-(1-4)-2-acetamido-2-deoxy-beta-D-glucopyranose
8 branched alpha-D-mannopyranose-(1-6)-alpha-D-mannopyranose-(1-3)-[alpha-D-mannopyranose-(1-6)]beta-D-mannopyranose-(1-4)-2-acetamido-2-deoxy-beta-D-glucopyranose-(1-4)-2-acetamido-2-deoxy-beta-D-glucopyranose
9 branched alpha-D-mannopyranose-(1-6)-beta-D-mannopyranose-(1-4)-2-acetamido-2-deoxy-beta-D-glucopyranose-(1-4)-[alpha-L-fucopyranose-(1-6)]2-acetamido-2-deoxy-beta-D-glucopyranose
10 non-polymer 'ZINC ION'
11 non-polymer 2-acetamido-2-deoxy-beta-D-glucopyranose
12 water water
#
loop_
_entity_poly.entity_id
_entity_poly.type
_entity_poly.pdbx_seq_one_letter_code
_entity_poly.pdbx_strand_id
1 'polypeptide(L)'
;TAQSKPWNHYRLPKTLIPSSYNVTLRPYLTPNSNGLYTFKGSSTVRFTCKESTSMIIIHSKKLNYTNIQGQRVALRGVGG
SQAPAIDRTELVEVTEYLVVHLREPLQVNSQYEMDSKFEGELADDLAGFYRSEYTENGVKKVLATTQMQAADARKSFPCF
DEPAMKATFNITLIHPSNLVALSNMLPRGPSVPFTEEPNWNVTEFETTPIMSTYLLAYIVSEFKNVQENTPSNVLIRIWA
RPSAMDQGHGNYALRVTGPILDFFSRHYDTPYPLNKSDQIALPDFNAGAMENWGLVTYRESALLYDPQSSSIGNKERVVT
VIAHELAHQWFGNLVTLEWWNDLWLNEGFASYVEYLGADYAEPTWNLKDLIVLNEVYRVMAVDALASSHPLSSPASEVNT
PAQISEVFDSISYSKGASVLRMLSSFLTEDLFKKGVASYLHTFAYQNTIYLDLWNHLQWALGNQTAINLPYTVNAIMDRW
ILQMGFPVVTVDTTTGTLSQKHFLLDPQSNVTRPSKFNYLWIIPISSVKSGTQQAHYWMPDNAKVQNDLFKTTGDEWVLL
NLNVTGYYLVNYDQNNWKKIHTQLQTDLSVIPVINRAQVIHDTFDLASAQIVPVTLALNSTLFLNQETEYMPWEAALSSL
SYFKLMFDRSEVYGPMKNYLRKQVTPLFNHFEKITQNWTDHPQTLTEQYNEINAVSTACTYGVPKCKDLVSTLFAEWRKN
PQNNPIYPNLRSTVYCNAIAQGGEEEWNFVWEQFRNTSLVNEADKLRSALACSTQVWILNRYLSYTLNPEFIRKQDVIST
LSSIASNVIGQSLAWDFIQSNWKKLFEDYGTGSFSFSNLIQAVTRRFSTEFELQQLEQFKANNMDTGFGSGTRALEQALE
KTKANIKWVKENKEAVLQWFRENSQGGS
;
A
2 'polypeptide(L)'
;TSFFAHTTVNITIDLGMKRSGYGQPIASPLSNITLPMQDNNTDVYCIRSNQFSIYVHSTCKSSLWDNVFNQDCTDVLEAT
AVIKTGTCPFSFDKLNNHLTFNKFCLSLSPVGANCKFDVAARTRTNEQVVRSLYVIYEEGDNIVGVPSDNGSSGGSGLND
IFEAQKIEWHEGGSHHHHHHHH
;
B
#
# COMPACT_ATOMS: atom_id res chain seq x y z
N THR A 1 43.55 -20.86 -16.26
CA THR A 1 42.44 -21.83 -16.47
C THR A 1 41.24 -21.11 -17.08
N ALA A 2 40.31 -21.84 -17.68
CA ALA A 2 39.09 -21.23 -18.25
C ALA A 2 38.28 -20.60 -17.12
N GLN A 3 38.22 -21.26 -15.97
CA GLN A 3 37.42 -20.74 -14.84
C GLN A 3 37.99 -19.40 -14.44
N SER A 4 39.33 -19.26 -14.42
CA SER A 4 40.00 -18.00 -13.99
C SER A 4 39.63 -16.86 -14.94
N LYS A 5 39.51 -17.13 -16.23
CA LYS A 5 39.21 -16.08 -17.23
C LYS A 5 38.19 -15.07 -16.72
N PRO A 6 38.49 -13.76 -16.81
CA PRO A 6 37.60 -12.68 -16.36
C PRO A 6 36.19 -12.73 -16.94
N TRP A 7 36.01 -13.28 -18.14
CA TRP A 7 34.67 -13.32 -18.80
C TRP A 7 33.81 -14.45 -18.23
N ASN A 8 34.40 -15.32 -17.43
CA ASN A 8 33.63 -16.44 -16.83
C ASN A 8 33.33 -16.12 -15.36
N HIS A 9 33.62 -14.90 -14.93
CA HIS A 9 33.27 -14.46 -13.55
C HIS A 9 32.12 -13.46 -13.67
N TYR A 10 31.10 -13.58 -12.82
CA TYR A 10 29.91 -12.75 -13.00
C TYR A 10 30.19 -11.27 -12.74
N ARG A 11 31.07 -10.98 -11.80
CA ARG A 11 31.33 -9.60 -11.41
C ARG A 11 32.32 -8.93 -12.35
N LEU A 12 32.10 -7.65 -12.62
CA LEU A 12 32.86 -6.96 -13.65
C LEU A 12 34.29 -6.70 -13.19
N PRO A 13 35.26 -6.78 -14.09
CA PRO A 13 36.62 -6.38 -13.75
C PRO A 13 36.69 -4.87 -13.59
N LYS A 14 37.51 -4.41 -12.64
CA LYS A 14 37.58 -2.96 -12.34
C LYS A 14 38.78 -2.34 -13.07
N THR A 15 39.04 -2.79 -14.29
CA THR A 15 40.16 -2.23 -15.09
C THR A 15 39.65 -1.02 -15.88
N LEU A 16 38.39 -1.04 -16.29
CA LEU A 16 37.81 0.06 -17.06
C LEU A 16 36.59 0.62 -16.34
N ILE A 17 36.59 1.93 -16.15
CA ILE A 17 35.47 2.61 -15.45
C ILE A 17 34.86 3.59 -16.45
N PRO A 18 33.54 3.53 -16.72
CA PRO A 18 32.91 4.36 -17.75
C PRO A 18 32.67 5.79 -17.29
N SER A 19 32.69 6.71 -18.26
CA SER A 19 32.43 8.12 -18.02
C SER A 19 31.02 8.53 -18.39
N SER A 20 30.62 8.27 -19.64
CA SER A 20 29.34 8.73 -20.15
C SER A 20 28.93 7.81 -21.29
N TYR A 21 27.64 7.82 -21.61
CA TYR A 21 27.10 7.01 -22.68
C TYR A 21 26.29 7.87 -23.63
N ASN A 22 26.28 7.46 -24.91
CA ASN A 22 25.42 8.09 -25.93
C ASN A 22 24.58 6.94 -26.47
N VAL A 23 23.30 6.84 -26.11
CA VAL A 23 22.43 5.73 -26.47
C VAL A 23 21.28 6.26 -27.32
N THR A 24 21.16 5.75 -28.53
CA THR A 24 20.12 6.12 -29.47
C THR A 24 19.31 4.87 -29.80
N LEU A 25 18.02 4.91 -29.49
CA LEU A 25 17.20 3.68 -29.68
C LEU A 25 15.97 3.99 -30.52
N ARG A 26 15.60 3.06 -31.38
CA ARG A 26 14.43 3.21 -32.26
C ARG A 26 13.45 2.05 -32.00
N PRO A 27 12.40 2.25 -31.20
CA PRO A 27 11.40 1.20 -31.00
C PRO A 27 10.52 1.01 -32.24
N TYR A 28 10.54 -0.19 -32.83
CA TYR A 28 9.62 -0.48 -33.96
C TYR A 28 8.38 -1.14 -33.37
N LEU A 29 7.30 -0.35 -33.21
CA LEU A 29 6.09 -0.88 -32.53
C LEU A 29 5.12 -1.51 -33.55
N THR A 30 5.63 -1.96 -34.69
CA THR A 30 4.79 -2.67 -35.70
C THR A 30 5.39 -4.05 -35.91
N PRO A 31 4.60 -5.13 -35.91
CA PRO A 31 5.17 -6.47 -36.01
C PRO A 31 5.90 -6.75 -37.33
N ASN A 32 7.01 -7.47 -37.25
CA ASN A 32 7.77 -7.89 -38.46
C ASN A 32 7.02 -9.02 -39.16
N SER A 33 7.34 -9.27 -40.42
CA SER A 33 6.62 -10.31 -41.20
C SER A 33 6.81 -11.65 -40.50
N ASN A 34 8.02 -11.92 -39.97
CA ASN A 34 8.25 -13.16 -39.18
C ASN A 34 7.75 -12.94 -37.74
N LEU A 36 7.86 -10.20 -35.54
CA LEU A 36 8.55 -9.97 -34.25
C LEU A 36 8.75 -8.46 -34.06
N TYR A 37 8.19 -7.91 -32.99
CA TYR A 37 8.47 -6.48 -32.70
C TYR A 37 9.97 -6.39 -32.39
N THR A 38 10.64 -5.37 -32.89
CA THR A 38 12.12 -5.30 -32.74
C THR A 38 12.55 -3.86 -32.41
N PHE A 39 13.70 -3.70 -31.78
CA PHE A 39 14.22 -2.33 -31.57
C PHE A 39 15.62 -2.25 -32.17
N LYS A 40 15.97 -1.08 -32.69
CA LYS A 40 17.33 -0.88 -33.25
C LYS A 40 18.03 0.18 -32.40
N GLY A 41 19.29 -0.03 -32.07
CA GLY A 41 20.01 0.88 -31.20
C GLY A 41 21.37 1.20 -31.78
N SER A 42 22.08 2.07 -31.07
CA SER A 42 23.43 2.49 -31.40
C SER A 42 23.96 3.23 -30.17
N SER A 43 25.06 2.73 -29.60
CA SER A 43 25.57 3.29 -28.36
C SER A 43 27.04 3.66 -28.54
N THR A 44 27.47 4.67 -27.79
CA THR A 44 28.87 5.07 -27.73
C THR A 44 29.17 5.37 -26.26
N VAL A 45 30.06 4.56 -25.67
CA VAL A 45 30.46 4.74 -24.25
C VAL A 45 31.87 5.32 -24.20
N ARG A 46 32.14 6.19 -23.23
CA ARG A 46 33.52 6.70 -23.06
C ARG A 46 34.01 6.16 -21.72
N PHE A 47 35.18 5.52 -21.72
CA PHE A 47 35.65 4.89 -20.47
C PHE A 47 37.09 5.29 -20.20
N THR A 48 37.51 5.19 -18.95
CA THR A 48 38.94 5.46 -18.64
C THR A 48 39.57 4.17 -18.12
N CYS A 49 40.73 3.81 -18.64
CA CYS A 49 41.45 2.60 -18.15
C CYS A 49 42.10 2.93 -16.82
N LYS A 50 41.81 2.15 -15.78
CA LYS A 50 42.41 2.37 -14.44
C LYS A 50 43.57 1.39 -14.29
N GLU A 51 43.51 0.24 -14.96
CA GLU A 51 44.61 -0.75 -14.91
C GLU A 51 44.78 -1.33 -16.32
N SER A 52 46.01 -1.40 -16.81
CA SER A 52 46.24 -1.85 -18.22
C SER A 52 45.61 -3.23 -18.44
N THR A 53 44.71 -3.34 -19.41
CA THR A 53 44.09 -4.64 -19.75
C THR A 53 44.12 -4.75 -21.27
N SER A 54 44.13 -5.99 -21.78
CA SER A 54 44.11 -6.21 -23.24
C SER A 54 42.69 -6.52 -23.72
N MET A 55 41.70 -6.48 -22.82
CA MET A 55 40.37 -6.85 -23.25
C MET A 55 39.33 -5.94 -22.61
N ILE A 56 38.35 -5.54 -23.40
CA ILE A 56 37.20 -4.79 -22.91
C ILE A 56 36.09 -5.76 -22.60
N ILE A 57 35.73 -5.87 -21.32
CA ILE A 57 34.63 -6.73 -20.90
C ILE A 57 33.46 -5.82 -20.51
N ILE A 58 32.37 -5.92 -21.29
CA ILE A 58 31.19 -5.06 -21.04
C ILE A 58 29.97 -5.98 -21.03
N HIS A 59 28.83 -5.50 -20.52
CA HIS A 59 27.64 -6.38 -20.41
C HIS A 59 26.81 -6.30 -21.69
N SER A 60 26.42 -7.45 -22.23
CA SER A 60 25.54 -7.49 -23.43
C SER A 60 24.60 -8.68 -23.28
N LYS A 61 23.30 -8.44 -23.35
CA LYS A 61 22.29 -9.52 -23.20
C LYS A 61 21.30 -9.41 -24.34
N LYS A 62 21.13 -10.50 -25.10
CA LYS A 62 20.11 -10.51 -26.17
C LYS A 62 20.29 -9.34 -27.11
N LEU A 63 21.52 -9.02 -27.49
CA LEU A 63 21.73 -7.91 -28.46
C LEU A 63 22.46 -8.44 -29.70
N ASN A 64 21.83 -8.34 -30.86
CA ASN A 64 22.49 -8.72 -32.13
C ASN A 64 23.25 -7.49 -32.59
N TYR A 65 24.49 -7.66 -33.06
CA TYR A 65 25.30 -6.45 -33.37
C TYR A 65 25.58 -6.27 -34.85
N THR A 66 25.28 -5.08 -35.38
CA THR A 66 25.66 -4.76 -36.74
C THR A 66 27.14 -4.44 -36.78
N ASN A 67 27.90 -5.26 -37.52
CA ASN A 67 29.35 -5.16 -37.50
C ASN A 67 29.82 -3.82 -38.07
N ILE A 68 30.55 -3.06 -37.28
CA ILE A 68 31.25 -1.86 -37.74
C ILE A 68 32.66 -2.27 -38.13
N GLN A 69 33.02 -2.07 -39.39
CA GLN A 69 34.32 -2.47 -39.93
C GLN A 69 34.47 -3.97 -39.68
N GLY A 70 35.55 -4.43 -39.05
CA GLY A 70 35.78 -5.86 -38.94
C GLY A 70 34.84 -6.52 -37.96
N GLN A 71 34.84 -6.04 -36.72
CA GLN A 71 34.12 -6.76 -35.66
C GLN A 71 32.82 -6.09 -35.24
N ARG A 72 32.28 -6.47 -34.08
CA ARG A 72 30.96 -5.94 -33.62
C ARG A 72 31.08 -4.50 -33.14
N VAL A 73 32.21 -4.14 -32.54
CA VAL A 73 32.39 -2.81 -32.01
C VAL A 73 33.54 -2.10 -32.73
N ALA A 74 33.65 -0.80 -32.51
CA ALA A 74 34.76 0.00 -33.00
C ALA A 74 35.30 0.80 -31.83
N LEU A 75 36.62 0.93 -31.77
CA LEU A 75 37.30 1.58 -30.65
C LEU A 75 38.02 2.82 -31.11
N ARG A 76 37.85 3.91 -30.36
CA ARG A 76 38.50 5.20 -30.70
C ARG A 76 39.19 5.72 -29.46
N GLY A 77 39.85 6.88 -29.55
CA GLY A 77 40.62 7.38 -28.40
C GLY A 77 40.42 8.86 -28.16
N VAL A 78 40.01 9.23 -26.95
CA VAL A 78 39.85 10.66 -26.58
C VAL A 78 41.24 11.19 -26.19
N GLY A 79 41.52 12.45 -26.49
CA GLY A 79 42.86 13.01 -26.23
C GLY A 79 43.85 12.49 -27.24
N GLY A 80 45.08 12.25 -26.82
CA GLY A 80 46.07 11.64 -27.74
C GLY A 80 46.01 10.13 -27.68
N SER A 81 45.06 9.59 -26.94
CA SER A 81 44.98 8.12 -26.74
C SER A 81 44.85 7.42 -28.09
N GLN A 82 45.82 6.56 -28.42
CA GLN A 82 45.72 5.78 -29.67
C GLN A 82 45.03 4.47 -29.30
N ALA A 83 43.92 4.17 -29.96
CA ALA A 83 43.14 2.97 -29.61
C ALA A 83 43.77 1.73 -30.23
N PRO A 84 44.02 0.67 -29.45
CA PRO A 84 44.55 -0.56 -30.00
C PRO A 84 43.57 -1.20 -31.00
N ALA A 85 44.10 -2.00 -31.91
CA ALA A 85 43.24 -2.65 -32.93
C ALA A 85 42.50 -3.83 -32.31
N ILE A 86 41.30 -4.09 -32.81
CA ILE A 86 40.46 -5.19 -32.25
C ILE A 86 40.82 -6.49 -32.97
N ASP A 87 41.44 -7.43 -32.27
CA ASP A 87 41.84 -8.71 -32.88
C ASP A 87 40.59 -9.55 -33.11
N ARG A 88 39.73 -9.68 -32.10
CA ARG A 88 38.52 -10.53 -32.22
C ARG A 88 37.49 -10.10 -31.17
N THR A 89 36.20 -10.33 -31.43
CA THR A 89 35.14 -10.04 -30.44
C THR A 89 34.44 -11.37 -30.14
N GLU A 90 34.16 -11.64 -28.87
CA GLU A 90 33.49 -12.89 -28.45
C GLU A 90 32.31 -12.52 -27.55
N LEU A 91 31.28 -13.35 -27.51
CA LEU A 91 30.09 -13.06 -26.67
C LEU A 91 29.83 -14.21 -25.70
N VAL A 92 30.04 -13.98 -24.40
CA VAL A 92 29.72 -15.02 -23.38
C VAL A 92 28.25 -14.83 -23.03
N GLU A 93 27.44 -15.89 -23.09
CA GLU A 93 26.00 -15.73 -22.90
C GLU A 93 25.66 -15.86 -21.42
N VAL A 94 26.29 -16.79 -20.71
CA VAL A 94 25.89 -17.05 -19.33
C VAL A 94 26.10 -15.81 -18.45
N THR A 95 27.32 -15.26 -18.52
CA THR A 95 27.69 -14.09 -17.68
C THR A 95 27.22 -12.79 -18.35
N GLU A 96 26.54 -12.90 -19.50
CA GLU A 96 25.99 -11.71 -20.21
C GLU A 96 27.13 -10.71 -20.44
N TYR A 97 28.11 -11.09 -21.27
CA TYR A 97 29.29 -10.21 -21.50
C TYR A 97 29.65 -10.10 -22.98
N LEU A 98 30.29 -9.00 -23.37
CA LEU A 98 30.82 -8.86 -24.75
C LEU A 98 32.32 -8.64 -24.58
N VAL A 99 33.14 -9.65 -24.88
CA VAL A 99 34.60 -9.55 -24.65
C VAL A 99 35.27 -9.09 -25.94
N VAL A 100 35.92 -7.94 -25.91
CA VAL A 100 36.62 -7.36 -27.05
C VAL A 100 38.11 -7.58 -26.81
N HIS A 101 38.68 -8.54 -27.54
CA HIS A 101 40.12 -8.85 -27.38
C HIS A 101 40.92 -7.88 -28.25
N LEU A 102 41.87 -7.17 -27.64
CA LEU A 102 42.67 -6.16 -28.38
C LEU A 102 44.05 -6.73 -28.73
N ARG A 103 44.67 -6.21 -29.79
CA ARG A 103 45.98 -6.74 -30.23
C ARG A 103 47.04 -6.19 -29.27
N GLU A 104 46.89 -4.94 -28.85
CA GLU A 104 47.87 -4.30 -27.94
C GLU A 104 47.14 -3.82 -26.69
N PRO A 105 47.75 -3.86 -25.49
CA PRO A 105 47.07 -3.48 -24.26
C PRO A 105 46.68 -2.00 -24.22
N LEU A 106 45.65 -1.67 -23.43
CA LEU A 106 45.24 -0.25 -23.27
C LEU A 106 46.23 0.45 -22.33
N GLN A 107 46.17 1.78 -22.23
CA GLN A 107 47.16 2.52 -21.42
C GLN A 107 46.50 3.04 -20.14
N VAL A 108 47.25 3.05 -19.04
CA VAL A 108 46.69 3.49 -17.73
C VAL A 108 46.24 4.94 -17.84
N ASN A 109 45.14 5.28 -17.15
CA ASN A 109 44.63 6.67 -17.08
C ASN A 109 44.46 7.30 -18.46
N SER A 110 44.20 6.49 -19.48
CA SER A 110 43.91 7.04 -20.83
C SER A 110 42.44 6.81 -21.16
N GLN A 111 41.78 7.78 -21.78
CA GLN A 111 40.34 7.67 -22.09
C GLN A 111 40.14 7.08 -23.47
N TYR A 112 39.13 6.21 -23.62
CA TYR A 112 38.83 5.58 -24.93
C TYR A 112 37.32 5.65 -25.18
N GLU A 113 36.90 5.53 -26.44
CA GLU A 113 35.45 5.58 -26.79
C GLU A 113 35.10 4.35 -27.62
N MET A 114 33.95 3.73 -27.35
CA MET A 114 33.57 2.50 -28.04
C MET A 114 32.20 2.68 -28.69
N ASP A 115 32.17 2.62 -30.02
CA ASP A 115 30.94 2.70 -30.77
C ASP A 115 30.40 1.30 -31.06
N SER A 116 29.07 1.21 -31.15
CA SER A 116 28.42 -0.05 -31.47
C SER A 116 27.06 0.20 -32.10
N LYS A 117 26.70 -0.65 -33.06
CA LYS A 117 25.38 -0.65 -33.68
C LYS A 117 24.75 -2.02 -33.45
N PHE A 118 23.52 -2.01 -32.95
CA PHE A 118 22.92 -3.30 -32.54
C PHE A 118 21.42 -3.33 -32.78
N GLU A 119 20.81 -4.48 -32.50
CA GLU A 119 19.35 -4.65 -32.68
C GLU A 119 18.86 -5.69 -31.69
N GLY A 120 17.66 -5.53 -31.16
CA GLY A 120 17.16 -6.47 -30.15
C GLY A 120 15.67 -6.68 -30.30
N GLU A 121 15.06 -7.45 -29.41
CA GLU A 121 13.64 -7.76 -29.57
C GLU A 121 12.85 -6.96 -28.55
N LEU A 122 11.90 -6.17 -29.03
CA LEU A 122 11.02 -5.40 -28.14
C LEU A 122 9.98 -6.41 -27.68
N ALA A 123 10.39 -7.41 -26.92
CA ALA A 123 9.42 -8.46 -26.56
C ALA A 123 8.60 -8.07 -25.35
N ASP A 124 7.56 -8.85 -25.04
CA ASP A 124 6.75 -8.60 -23.81
C ASP A 124 7.38 -9.39 -22.66
N ASP A 125 8.62 -9.05 -22.30
CA ASP A 125 9.35 -9.83 -21.26
C ASP A 125 9.40 -9.05 -19.95
N LEU A 126 8.88 -7.82 -19.94
CA LEU A 126 8.95 -6.95 -18.73
C LEU A 126 10.41 -6.81 -18.32
N ALA A 127 11.32 -6.77 -19.30
CA ALA A 127 12.76 -6.68 -19.01
C ALA A 127 13.47 -5.89 -20.11
N GLY A 128 14.10 -4.78 -19.75
CA GLY A 128 14.85 -3.98 -20.74
C GLY A 128 13.92 -3.17 -21.60
N PHE A 129 14.29 -2.92 -22.86
CA PHE A 129 13.33 -2.25 -23.76
C PHE A 129 12.30 -3.29 -24.13
N TYR A 130 11.10 -3.19 -23.56
CA TYR A 130 10.07 -4.17 -23.81
C TYR A 130 8.78 -3.49 -24.23
N ARG A 131 7.88 -4.32 -24.78
CA ARG A 131 6.57 -3.81 -25.24
C ARG A 131 5.48 -4.19 -24.26
N SER A 132 4.62 -3.23 -23.93
CA SER A 132 3.47 -3.47 -23.07
C SER A 132 2.22 -3.35 -23.94
N GLU A 133 1.50 -4.46 -24.10
CA GLU A 133 0.31 -4.48 -24.98
C GLU A 133 -0.94 -4.19 -24.14
N TYR A 134 -1.86 -3.37 -24.67
CA TYR A 134 -3.11 -3.06 -23.95
C TYR A 134 -4.26 -2.92 -24.95
N THR A 135 -5.49 -3.20 -24.52
CA THR A 135 -6.67 -3.08 -25.42
C THR A 135 -7.54 -1.91 -24.94
N GLU A 136 -7.72 -0.91 -25.81
CA GLU A 136 -8.54 0.28 -25.45
C GLU A 136 -9.67 0.42 -26.46
N ASN A 137 -10.92 0.25 -26.01
CA ASN A 137 -12.11 0.36 -26.90
C ASN A 137 -12.00 -0.64 -28.05
N GLY A 138 -11.54 -1.86 -27.77
CA GLY A 138 -11.48 -2.91 -28.80
C GLY A 138 -10.22 -2.82 -29.65
N VAL A 139 -9.52 -1.69 -29.61
CA VAL A 139 -8.28 -1.51 -30.43
C VAL A 139 -7.08 -1.93 -29.60
N LYS A 140 -6.31 -2.91 -30.09
CA LYS A 140 -5.09 -3.37 -29.37
C LYS A 140 -3.96 -2.39 -29.66
N LYS A 141 -3.59 -1.58 -28.67
CA LYS A 141 -2.49 -0.60 -28.84
C LYS A 141 -1.28 -1.13 -28.07
N VAL A 142 -0.07 -0.86 -28.56
CA VAL A 142 1.15 -1.40 -27.90
C VAL A 142 2.08 -0.21 -27.63
N LEU A 143 2.69 -0.19 -26.44
CA LEU A 143 3.62 0.92 -26.08
C LEU A 143 5.00 0.33 -25.79
N ALA A 144 6.04 1.16 -25.85
CA ALA A 144 7.42 0.68 -25.58
C ALA A 144 7.90 1.30 -24.27
N THR A 145 8.17 0.46 -23.27
CA THR A 145 8.61 0.97 -21.95
C THR A 145 9.86 0.20 -21.52
N THR A 146 10.42 0.56 -20.37
CA THR A 146 11.71 -0.04 -19.95
C THR A 146 11.83 -0.37 -18.47
N GLN A 147 12.07 -1.63 -18.12
CA GLN A 147 12.41 -1.94 -16.71
C GLN A 147 13.86 -2.38 -16.76
N MET A 148 14.75 -1.62 -16.11
CA MET A 148 16.20 -1.90 -16.20
C MET A 148 16.72 -2.45 -14.87
N GLN A 149 15.85 -2.82 -13.94
CA GLN A 149 16.35 -3.19 -12.59
C GLN A 149 17.33 -4.34 -12.70
N ALA A 150 18.45 -4.22 -11.98
CA ALA A 150 19.52 -5.24 -11.98
C ALA A 150 20.05 -5.50 -13.39
N ALA A 151 20.05 -6.75 -13.83
CA ALA A 151 20.65 -7.19 -15.12
C ALA A 151 20.02 -6.62 -16.39
N ASP A 152 18.76 -6.22 -16.38
CA ASP A 152 18.05 -5.89 -17.66
C ASP A 152 18.60 -4.71 -18.48
N ALA A 153 19.38 -3.77 -17.94
CA ALA A 153 19.80 -2.62 -18.78
C ALA A 153 20.70 -3.07 -19.93
N ARG A 154 21.51 -4.11 -19.69
CA ARG A 154 22.45 -4.65 -20.70
C ARG A 154 21.64 -5.18 -21.89
N LYS A 155 20.42 -5.64 -21.67
CA LYS A 155 19.55 -6.16 -22.73
C LYS A 155 19.27 -5.08 -23.76
N SER A 156 19.22 -3.80 -23.35
CA SER A 156 18.84 -2.70 -24.29
C SER A 156 20.05 -2.05 -24.95
N PHE A 157 21.13 -1.82 -24.21
CA PHE A 157 22.37 -1.22 -24.77
C PHE A 157 23.59 -1.82 -24.07
N PRO A 158 24.73 -2.02 -24.76
CA PRO A 158 25.93 -2.51 -24.11
C PRO A 158 26.43 -1.50 -23.06
N CYS A 159 26.50 -1.94 -21.80
CA CYS A 159 26.86 -1.04 -20.70
C CYS A 159 27.53 -1.81 -19.57
N PHE A 160 28.19 -1.12 -18.65
CA PHE A 160 28.73 -1.80 -17.45
C PHE A 160 27.58 -1.79 -16.45
N ASP A 161 26.72 -2.82 -16.45
CA ASP A 161 25.48 -2.83 -15.63
C ASP A 161 25.77 -3.19 -14.18
N GLU A 162 26.63 -2.41 -13.52
CA GLU A 162 26.86 -2.63 -12.07
C GLU A 162 26.55 -1.29 -11.41
N PRO A 163 25.68 -1.22 -10.36
CA PRO A 163 25.26 0.05 -9.77
C PRO A 163 26.42 0.97 -9.37
N ALA A 164 27.61 0.40 -9.10
CA ALA A 164 28.73 1.20 -8.66
C ALA A 164 29.40 1.95 -9.80
N MET A 165 29.13 1.56 -11.05
CA MET A 165 29.76 2.19 -12.24
C MET A 165 28.81 3.27 -12.78
N LYS A 166 28.72 4.40 -12.07
CA LYS A 166 27.77 5.48 -12.44
C LYS A 166 28.32 6.32 -13.60
N ALA A 167 27.42 6.85 -14.43
CA ALA A 167 27.84 7.64 -15.60
C ALA A 167 26.74 8.60 -16.04
N THR A 168 27.08 9.54 -16.92
CA THR A 168 26.05 10.45 -17.48
C THR A 168 25.56 9.88 -18.81
N PHE A 169 24.27 9.94 -19.08
CA PHE A 169 23.74 9.29 -20.31
C PHE A 169 23.05 10.29 -21.23
N ASN A 170 23.31 10.18 -22.53
CA ASN A 170 22.63 11.03 -23.52
C ASN A 170 21.65 10.14 -24.28
N ILE A 171 20.37 10.12 -23.85
CA ILE A 171 19.39 9.19 -24.47
C ILE A 171 18.68 9.87 -25.64
N THR A 172 18.76 9.28 -26.83
CA THR A 172 18.04 9.79 -27.99
C THR A 172 17.04 8.73 -28.43
N LEU A 173 15.84 9.17 -28.79
CA LEU A 173 14.75 8.27 -29.14
C LEU A 173 14.24 8.59 -30.53
N ILE A 174 14.19 7.59 -31.39
CA ILE A 174 13.59 7.70 -32.72
C ILE A 174 12.25 6.97 -32.66
N HIS A 175 11.17 7.74 -32.61
CA HIS A 175 9.83 7.14 -32.40
C HIS A 175 8.85 7.65 -33.44
N PRO A 176 7.68 7.00 -33.64
CA PRO A 176 6.66 7.55 -34.54
C PRO A 176 6.16 8.92 -34.05
N SER A 177 5.90 9.85 -34.97
CA SER A 177 5.47 11.22 -34.61
C SER A 177 4.14 11.19 -33.85
N ASN A 178 3.33 10.15 -34.08
CA ASN A 178 2.00 10.06 -33.40
C ASN A 178 2.21 9.78 -31.92
N LEU A 179 3.32 9.14 -31.54
CA LEU A 179 3.54 8.72 -30.14
C LEU A 179 4.49 9.71 -29.43
N VAL A 180 4.42 9.74 -28.09
CA VAL A 180 5.25 10.71 -27.30
C VAL A 180 6.54 10.02 -26.86
N ALA A 181 7.59 10.79 -26.58
CA ALA A 181 8.87 10.26 -26.14
C ALA A 181 9.19 10.82 -24.77
N LEU A 182 9.51 9.93 -23.83
CA LEU A 182 9.84 10.30 -22.46
C LEU A 182 11.13 9.61 -22.04
N SER A 183 11.85 10.23 -21.10
CA SER A 183 13.08 9.61 -20.55
C SER A 183 13.31 10.17 -19.15
N ASN A 184 14.49 9.92 -18.59
CA ASN A 184 14.80 10.38 -17.22
C ASN A 184 14.86 11.90 -17.20
N MET A 185 15.27 12.50 -18.31
CA MET A 185 15.45 13.96 -18.36
C MET A 185 14.49 14.59 -19.40
N LEU A 186 14.36 15.91 -19.39
CA LEU A 186 13.47 16.60 -20.35
C LEU A 186 14.20 16.77 -21.68
N PRO A 187 13.50 16.82 -22.84
CA PRO A 187 14.16 16.91 -24.14
C PRO A 187 15.03 18.15 -24.24
N ARG A 188 16.18 18.01 -24.90
CA ARG A 188 17.08 19.14 -25.10
C ARG A 188 16.38 20.27 -25.84
N GLY A 189 15.68 19.93 -26.93
CA GLY A 189 14.87 20.88 -27.65
C GLY A 189 13.58 20.24 -28.08
N PRO A 190 12.77 20.98 -28.83
CA PRO A 190 11.54 20.39 -29.39
C PRO A 190 11.89 19.29 -30.38
N SER A 191 10.99 18.31 -30.49
CA SER A 191 11.23 17.15 -31.37
C SER A 191 11.36 17.62 -32.82
N VAL A 192 12.31 17.04 -33.54
CA VAL A 192 12.52 17.39 -34.96
C VAL A 192 12.33 16.13 -35.78
N PRO A 193 11.56 16.17 -36.89
CA PRO A 193 11.31 14.99 -37.70
C PRO A 193 12.57 14.23 -38.15
N PHE A 194 12.50 12.90 -38.16
CA PHE A 194 13.63 12.07 -38.64
C PHE A 194 13.76 12.31 -40.13
N THR A 195 14.91 12.81 -40.59
CA THR A 195 15.03 13.16 -42.02
C THR A 195 14.81 11.92 -42.89
N GLU A 196 15.42 10.79 -42.55
CA GLU A 196 15.36 9.62 -43.46
C GLU A 196 13.93 9.10 -43.65
N GLU A 197 13.13 9.05 -42.59
CA GLU A 197 11.72 8.59 -42.69
C GLU A 197 10.87 9.65 -42.01
N PRO A 198 10.11 10.48 -42.76
CA PRO A 198 9.41 11.62 -42.15
C PRO A 198 8.18 11.27 -41.31
N ASN A 199 7.80 9.99 -41.26
CA ASN A 199 6.68 9.58 -40.38
C ASN A 199 7.20 9.34 -38.96
N TRP A 200 8.47 9.70 -38.70
CA TRP A 200 9.09 9.49 -37.37
C TRP A 200 9.63 10.82 -36.82
N ASN A 201 9.76 10.94 -35.51
CA ASN A 201 10.36 12.16 -34.90
C ASN A 201 11.63 11.76 -34.17
N VAL A 202 12.50 12.73 -33.87
CA VAL A 202 13.76 12.45 -33.12
C VAL A 202 13.79 13.30 -31.85
N THR A 203 13.50 12.70 -30.70
CA THR A 203 13.60 13.40 -29.43
C THR A 203 14.96 13.09 -28.81
N GLU A 204 15.78 14.12 -28.63
CA GLU A 204 17.06 14.01 -27.95
C GLU A 204 16.94 14.66 -26.59
N PHE A 205 17.15 13.89 -25.54
CA PHE A 205 16.95 14.35 -24.17
C PHE A 205 18.22 14.99 -23.61
N GLU A 206 18.03 15.80 -22.57
CA GLU A 206 19.16 16.39 -21.86
C GLU A 206 20.03 15.30 -21.25
N THR A 207 21.26 15.69 -20.87
CA THR A 207 22.24 14.73 -20.31
C THR A 207 21.84 14.36 -18.89
N THR A 208 21.82 13.06 -18.59
CA THR A 208 21.39 12.58 -17.26
C THR A 208 22.43 12.94 -16.19
N PRO A 209 22.07 13.14 -14.89
CA PRO A 209 23.07 13.35 -13.86
C PRO A 209 23.87 12.05 -13.72
N ILE A 210 24.94 12.05 -12.94
CA ILE A 210 25.65 10.75 -12.80
C ILE A 210 24.63 9.83 -12.13
N MET A 211 24.49 8.61 -12.65
CA MET A 211 23.43 7.70 -12.14
C MET A 211 23.74 6.26 -12.55
N SER A 212 23.06 5.31 -11.91
CA SER A 212 23.32 3.89 -12.23
C SER A 212 22.47 3.46 -13.43
N THR A 213 22.99 2.51 -14.21
CA THR A 213 22.32 2.04 -15.44
C THR A 213 20.93 1.46 -15.17
N TYR A 214 20.63 1.10 -13.92
CA TYR A 214 19.35 0.42 -13.60
C TYR A 214 18.26 1.44 -13.35
N LEU A 215 18.60 2.72 -13.30
CA LEU A 215 17.60 3.78 -13.02
C LEU A 215 17.29 4.52 -14.32
N LEU A 216 17.71 3.96 -15.45
CA LEU A 216 17.46 4.60 -16.76
C LEU A 216 16.10 4.19 -17.27
N ALA A 217 15.42 5.11 -17.97
CA ALA A 217 14.09 4.79 -18.52
C ALA A 217 13.84 5.57 -19.80
N TYR A 218 13.13 4.94 -20.74
CA TYR A 218 12.77 5.59 -22.02
C TYR A 218 11.43 5.00 -22.47
N ILE A 219 10.36 5.81 -22.51
CA ILE A 219 9.03 5.26 -22.84
C ILE A 219 8.43 5.95 -24.07
N VAL A 220 8.05 5.18 -25.10
CA VAL A 220 7.37 5.75 -26.30
C VAL A 220 5.92 5.27 -26.27
N SER A 221 4.96 6.18 -26.11
CA SER A 221 3.54 5.80 -25.97
C SER A 221 2.62 6.92 -26.43
N GLU A 222 1.34 6.62 -26.67
CA GLU A 222 0.35 7.67 -27.03
C GLU A 222 -0.34 8.12 -25.74
N PHE A 223 0.41 8.23 -24.64
CA PHE A 223 -0.24 8.54 -23.33
C PHE A 223 -0.50 10.03 -23.18
N LYS A 224 -1.27 10.40 -22.15
CA LYS A 224 -1.60 11.82 -21.90
C LYS A 224 -1.15 12.20 -20.48
N ASN A 225 -1.10 13.50 -20.16
CA ASN A 225 -0.55 13.90 -18.85
C ASN A 225 -1.35 14.99 -18.15
N VAL A 226 -1.16 15.12 -16.83
CA VAL A 226 -1.79 16.25 -16.07
C VAL A 226 -0.60 17.00 -15.47
N GLN A 227 -0.37 18.24 -15.89
CA GLN A 227 0.86 18.95 -15.45
C GLN A 227 0.63 19.82 -14.23
N GLU A 228 1.73 20.26 -13.59
CA GLU A 228 1.66 21.14 -12.40
C GLU A 228 3.09 21.54 -12.03
N ASN A 229 3.38 22.86 -12.01
CA ASN A 229 4.75 23.31 -11.63
C ASN A 229 4.75 23.67 -10.15
N THR A 230 5.67 23.10 -9.38
CA THR A 230 5.71 23.32 -7.92
C THR A 230 6.26 24.72 -7.61
N PRO A 231 6.04 25.27 -6.40
CA PRO A 231 6.67 26.54 -6.03
C PRO A 231 8.20 26.42 -6.13
N SER A 232 8.72 25.19 -6.11
CA SER A 232 10.19 24.97 -6.16
C SER A 232 10.65 24.88 -7.61
N ASN A 233 9.79 25.27 -8.55
CA ASN A 233 10.14 25.27 -10.00
C ASN A 233 10.48 23.87 -10.49
N VAL A 234 9.71 22.86 -10.09
CA VAL A 234 9.90 21.47 -10.63
C VAL A 234 8.63 21.08 -11.38
N LEU A 235 8.77 20.46 -12.55
CA LEU A 235 7.59 20.08 -13.37
C LEU A 235 7.09 18.72 -12.90
N ILE A 236 5.82 18.67 -12.48
CA ILE A 236 5.23 17.35 -12.09
C ILE A 236 4.21 16.97 -13.15
N ARG A 237 4.43 15.83 -13.80
CA ARG A 237 3.50 15.36 -14.86
C ARG A 237 3.05 13.94 -14.50
N ILE A 238 1.74 13.69 -14.46
CA ILE A 238 1.24 12.31 -14.22
C ILE A 238 0.75 11.74 -15.55
N TRP A 239 1.46 10.75 -16.08
CA TRP A 239 1.12 10.17 -17.41
C TRP A 239 0.29 8.90 -17.25
N ALA A 240 -0.64 8.66 -18.17
CA ALA A 240 -1.50 7.46 -18.12
C ALA A 240 -2.19 7.28 -19.47
N ARG A 241 -2.90 6.15 -19.65
CA ARG A 241 -3.61 5.90 -20.93
C ARG A 241 -4.61 7.03 -21.18
N PRO A 242 -4.86 7.44 -22.43
CA PRO A 242 -5.75 8.56 -22.70
C PRO A 242 -7.09 8.38 -21.99
N SER A 243 -7.65 7.18 -22.04
CA SER A 243 -8.97 6.90 -21.42
C SER A 243 -8.93 7.27 -19.93
N ALA A 244 -7.89 6.89 -19.22
CA ALA A 244 -7.82 7.15 -17.76
C ALA A 244 -7.68 8.65 -17.48
N MET A 245 -6.91 9.35 -18.30
CA MET A 245 -6.68 10.80 -18.06
C MET A 245 -7.96 11.58 -18.38
N ASP A 246 -8.70 11.13 -19.39
CA ASP A 246 -9.98 11.78 -19.76
C ASP A 246 -10.96 11.64 -18.59
N GLN A 247 -10.94 10.49 -17.90
CA GLN A 247 -11.88 10.25 -16.76
C GLN A 247 -11.30 10.86 -15.48
N GLY A 248 -10.13 11.49 -15.57
CA GLY A 248 -9.55 12.19 -14.40
C GLY A 248 -9.16 11.24 -13.29
N HIS A 249 -8.64 10.06 -13.63
CA HIS A 249 -8.30 9.04 -12.61
C HIS A 249 -6.95 9.37 -11.97
N GLY A 250 -6.04 10.01 -12.70
CA GLY A 250 -4.69 10.28 -12.16
C GLY A 250 -4.57 11.68 -11.62
N ASN A 251 -5.62 12.18 -10.98
CA ASN A 251 -5.62 13.57 -10.45
C ASN A 251 -5.23 13.54 -8.98
N TYR A 252 -5.55 12.47 -8.26
CA TYR A 252 -5.11 12.36 -6.85
C TYR A 252 -3.58 12.28 -6.84
N ALA A 253 -3.01 11.56 -7.81
CA ALA A 253 -1.56 11.48 -7.89
C ALA A 253 -0.93 12.86 -8.04
N LEU A 254 -1.52 13.71 -8.90
CA LEU A 254 -1.00 15.06 -9.04
C LEU A 254 -1.19 15.87 -7.78
N ARG A 255 -2.29 15.62 -7.05
CA ARG A 255 -2.61 16.42 -5.84
C ARG A 255 -1.57 16.16 -4.74
N VAL A 256 -0.97 14.98 -4.70
CA VAL A 256 -0.05 14.62 -3.57
C VAL A 256 1.42 14.67 -3.99
N THR A 257 1.76 14.41 -5.26
CA THR A 257 3.19 14.35 -5.64
C THR A 257 3.92 15.63 -5.22
N GLY A 258 3.32 16.79 -5.46
CA GLY A 258 3.97 18.07 -5.14
C GLY A 258 4.33 18.16 -3.67
N PRO A 259 3.36 18.14 -2.73
CA PRO A 259 3.68 18.15 -1.29
C PRO A 259 4.71 17.09 -0.89
N ILE A 260 4.67 15.91 -1.50
CA ILE A 260 5.58 14.82 -1.07
C ILE A 260 7.03 15.18 -1.40
N LEU A 261 7.29 15.63 -2.63
CA LEU A 261 8.68 16.03 -3.01
C LEU A 261 9.15 17.13 -2.08
N ASP A 262 8.28 18.11 -1.78
CA ASP A 262 8.64 19.22 -0.86
C ASP A 262 9.05 18.66 0.50
N PHE A 263 8.25 17.74 1.05
CA PHE A 263 8.55 17.18 2.39
C PHE A 263 9.94 16.57 2.36
N PHE A 264 10.21 15.73 1.37
CA PHE A 264 11.51 15.02 1.33
C PHE A 264 12.64 16.03 1.12
N SER A 265 12.40 17.10 0.36
CA SER A 265 13.43 18.15 0.14
C SER A 265 13.83 18.74 1.48
N ARG A 266 12.85 19.04 2.33
CA ARG A 266 13.13 19.64 3.67
C ARG A 266 13.67 18.57 4.63
N HIS A 267 13.11 17.35 4.59
CA HIS A 267 13.54 16.25 5.47
C HIS A 267 15.01 15.92 5.21
N TYR A 268 15.37 15.72 3.95
CA TYR A 268 16.76 15.34 3.59
C TYR A 268 17.64 16.58 3.50
N ASP A 269 17.06 17.77 3.62
CA ASP A 269 17.82 19.04 3.51
C ASP A 269 18.57 19.07 2.19
N THR A 270 18.14 18.26 1.22
CA THR A 270 18.76 18.25 -0.12
C THR A 270 17.71 18.61 -1.18
N PRO A 271 17.89 19.69 -1.97
CA PRO A 271 16.94 20.04 -3.02
C PRO A 271 16.79 18.91 -4.04
N TYR A 272 15.60 18.76 -4.61
CA TYR A 272 15.35 17.68 -5.60
C TYR A 272 16.47 17.72 -6.64
N PRO A 273 17.24 16.62 -6.86
CA PRO A 273 18.36 16.66 -7.78
C PRO A 273 17.99 17.17 -9.18
N LEU A 274 16.90 16.65 -9.75
CA LEU A 274 16.51 17.03 -11.14
C LEU A 274 15.38 18.07 -11.13
N ASN A 275 14.96 18.53 -12.31
CA ASN A 275 13.84 19.49 -12.41
C ASN A 275 12.50 18.86 -12.82
N LYS A 276 12.45 17.58 -13.16
CA LYS A 276 11.18 16.97 -13.63
C LYS A 276 10.83 15.71 -12.83
N SER A 277 9.54 15.48 -12.56
CA SER A 277 9.12 14.21 -11.92
C SER A 277 8.00 13.59 -12.75
N ASP A 278 8.36 12.93 -13.85
CA ASP A 278 7.34 12.24 -14.67
C ASP A 278 6.98 10.94 -13.97
N GLN A 279 5.70 10.69 -13.81
CA GLN A 279 5.19 9.47 -13.19
C GLN A 279 4.16 8.86 -14.12
N ILE A 280 4.52 7.72 -14.69
CA ILE A 280 3.65 7.06 -15.70
C ILE A 280 2.97 5.83 -15.12
N ALA A 281 1.74 5.58 -15.54
CA ALA A 281 0.95 4.43 -15.09
C ALA A 281 0.78 3.48 -16.27
N LEU A 282 1.41 2.30 -16.17
CA LEU A 282 1.44 1.32 -17.25
C LEU A 282 0.35 0.27 -17.05
N PRO A 283 -0.29 -0.17 -18.13
CA PRO A 283 -1.39 -1.14 -18.02
C PRO A 283 -0.96 -2.43 -17.33
N ASP A 284 0.03 -3.10 -17.90
CA ASP A 284 0.56 -4.34 -17.26
C ASP A 284 1.93 -4.04 -16.65
N PHE A 285 1.99 -3.77 -15.34
CA PHE A 285 3.28 -3.54 -14.65
C PHE A 285 3.37 -4.45 -13.43
N ASN A 286 3.91 -5.66 -13.61
CA ASN A 286 4.00 -6.65 -12.51
C ASN A 286 4.89 -6.10 -11.38
N ALA A 287 5.92 -5.34 -11.74
CA ALA A 287 6.88 -4.84 -10.73
C ALA A 287 6.18 -3.97 -9.70
N GLY A 288 5.01 -3.42 -10.05
CA GLY A 288 4.30 -2.50 -9.13
C GLY A 288 4.81 -1.08 -9.33
N ALA A 289 6.08 -0.83 -9.00
CA ALA A 289 6.68 0.50 -9.27
C ALA A 289 8.20 0.42 -9.36
N MET A 290 8.81 1.31 -10.14
CA MET A 290 10.29 1.38 -10.26
C MET A 290 10.69 2.84 -10.06
N GLU A 291 11.76 3.07 -9.29
CA GLU A 291 12.22 4.44 -8.95
C GLU A 291 13.14 5.01 -10.02
N ASN A 292 12.75 4.88 -11.29
CA ASN A 292 13.59 5.39 -12.38
C ASN A 292 13.66 6.89 -12.13
N TRP A 293 14.81 7.51 -12.36
CA TRP A 293 14.93 8.91 -11.91
C TRP A 293 14.25 9.79 -12.94
N GLY A 294 13.17 10.46 -12.55
CA GLY A 294 12.45 11.39 -13.45
C GLY A 294 11.48 10.69 -14.40
N LEU A 295 11.32 9.36 -14.33
CA LEU A 295 10.32 8.63 -15.16
C LEU A 295 9.90 7.43 -14.32
N VAL A 296 9.29 7.71 -13.18
CA VAL A 296 8.90 6.63 -12.24
C VAL A 296 7.73 5.87 -12.89
N THR A 297 7.95 4.61 -13.23
CA THR A 297 6.88 3.78 -13.87
C THR A 297 6.08 3.12 -12.76
N TYR A 298 4.75 3.07 -12.91
CA TYR A 298 3.87 2.50 -11.86
C TYR A 298 2.82 1.59 -12.49
N ARG A 299 2.17 0.76 -11.67
CA ARG A 299 1.05 -0.05 -12.17
C ARG A 299 -0.20 0.84 -12.09
N GLU A 300 -1.15 0.67 -13.01
CA GLU A 300 -2.30 1.60 -13.04
C GLU A 300 -2.96 1.63 -11.66
N SER A 301 -2.97 0.50 -10.95
CA SER A 301 -3.66 0.41 -9.64
C SER A 301 -2.90 1.20 -8.55
N ALA A 302 -1.68 1.64 -8.83
CA ALA A 302 -0.86 2.30 -7.79
C ALA A 302 -0.65 3.78 -8.08
N LEU A 303 -1.16 4.28 -9.20
CA LEU A 303 -1.05 5.74 -9.48
C LEU A 303 -2.45 6.32 -9.71
N LEU A 304 -3.37 5.52 -10.25
CA LEU A 304 -4.71 6.07 -10.60
C LEU A 304 -5.73 5.77 -9.50
N TYR A 305 -6.60 6.72 -9.19
CA TYR A 305 -7.66 6.52 -8.17
C TYR A 305 -8.99 7.04 -8.72
N ASP A 306 -9.98 6.16 -8.87
CA ASP A 306 -11.34 6.58 -9.33
C ASP A 306 -12.17 6.92 -8.09
N PRO A 307 -12.55 8.19 -7.80
CA PRO A 307 -13.24 8.48 -6.55
C PRO A 307 -14.67 7.92 -6.51
N GLN A 308 -15.15 7.37 -7.62
CA GLN A 308 -16.57 6.90 -7.69
C GLN A 308 -16.63 5.38 -7.58
N SER A 309 -15.48 4.71 -7.63
CA SER A 309 -15.48 3.22 -7.62
C SER A 309 -14.39 2.69 -6.71
N SER A 310 -13.32 3.46 -6.50
CA SER A 310 -12.18 2.94 -5.72
C SER A 310 -12.42 3.09 -4.22
N SER A 311 -11.99 2.10 -3.44
CA SER A 311 -12.14 2.14 -1.97
C SER A 311 -11.01 2.98 -1.36
N ILE A 312 -11.08 3.26 -0.06
CA ILE A 312 -10.02 4.01 0.58
C ILE A 312 -8.72 3.21 0.62
N GLY A 313 -8.81 1.90 0.42
CA GLY A 313 -7.59 1.09 0.37
C GLY A 313 -6.72 1.49 -0.80
N ASN A 314 -7.35 1.88 -1.91
CA ASN A 314 -6.60 2.31 -3.12
C ASN A 314 -5.98 3.68 -2.87
N LYS A 315 -6.67 4.55 -2.14
CA LYS A 315 -6.14 5.90 -1.83
C LYS A 315 -4.90 5.73 -0.94
N GLU A 316 -4.88 4.70 -0.09
CA GLU A 316 -3.68 4.48 0.70
C GLU A 316 -2.55 3.92 -0.17
N ARG A 317 -2.87 3.03 -1.09
CA ARG A 317 -1.80 2.40 -1.91
C ARG A 317 -1.10 3.46 -2.76
N VAL A 318 -1.88 4.34 -3.41
CA VAL A 318 -1.27 5.35 -4.33
C VAL A 318 -0.45 6.39 -3.56
N VAL A 319 -0.91 6.84 -2.39
CA VAL A 319 -0.18 7.93 -1.66
C VAL A 319 1.09 7.34 -1.06
N THR A 320 1.05 6.07 -0.62
CA THR A 320 2.24 5.53 0.02
C THR A 320 3.25 5.05 -1.01
N VAL A 321 2.78 4.50 -2.14
CA VAL A 321 3.73 4.06 -3.16
C VAL A 321 4.36 5.27 -3.84
N ILE A 322 3.60 6.36 -4.01
CA ILE A 322 4.20 7.59 -4.50
C ILE A 322 5.24 8.10 -3.52
N ALA A 323 5.00 7.93 -2.22
CA ALA A 323 5.97 8.46 -1.25
C ALA A 323 7.23 7.60 -1.26
N HIS A 324 7.10 6.32 -1.58
CA HIS A 324 8.25 5.39 -1.55
C HIS A 324 9.16 5.64 -2.76
N GLU A 325 8.58 5.72 -3.95
CA GLU A 325 9.39 5.87 -5.19
C GLU A 325 9.95 7.29 -5.28
N LEU A 326 9.35 8.25 -4.58
CA LEU A 326 9.89 9.63 -4.55
C LEU A 326 11.00 9.73 -3.50
N ALA A 327 10.93 8.94 -2.43
CA ALA A 327 12.01 8.94 -1.42
C ALA A 327 13.28 8.39 -2.06
N HIS A 328 13.13 7.45 -3.01
CA HIS A 328 14.31 6.84 -3.68
C HIS A 328 15.04 7.89 -4.50
N GLN A 329 14.35 8.93 -4.95
CA GLN A 329 14.98 9.95 -5.84
C GLN A 329 16.17 10.57 -5.11
N TRP A 330 16.15 10.56 -3.79
CA TRP A 330 17.32 11.02 -3.00
C TRP A 330 18.05 9.79 -2.47
N PHE A 331 17.44 9.08 -1.51
CA PHE A 331 18.08 7.90 -0.89
C PHE A 331 17.91 6.69 -1.81
N GLY A 332 18.84 6.52 -2.76
CA GLY A 332 18.80 5.35 -3.65
C GLY A 332 19.14 5.69 -5.08
N ASN A 333 18.98 6.95 -5.47
CA ASN A 333 19.24 7.38 -6.85
C ASN A 333 20.38 8.41 -6.83
N LEU A 334 20.33 9.40 -5.94
CA LEU A 334 21.43 10.37 -5.78
C LEU A 334 22.60 9.64 -5.14
N VAL A 335 22.41 9.10 -3.94
CA VAL A 335 23.46 8.28 -3.29
C VAL A 335 23.05 6.81 -3.41
N THR A 336 23.57 6.13 -4.44
CA THR A 336 23.22 4.71 -4.68
C THR A 336 24.10 3.83 -3.81
N LEU A 337 23.93 2.51 -3.91
CA LEU A 337 24.73 1.57 -3.08
C LEU A 337 25.62 0.74 -4.01
N GLU A 338 26.86 0.46 -3.59
CA GLU A 338 27.83 -0.22 -4.48
C GLU A 338 27.28 -1.54 -5.01
N TRP A 339 26.54 -2.30 -4.18
CA TRP A 339 26.07 -3.63 -4.63
C TRP A 339 24.72 -3.98 -4.02
N TRP A 340 24.16 -5.12 -4.41
CA TRP A 340 22.82 -5.53 -3.95
C TRP A 340 22.90 -6.22 -2.59
N ASN A 341 24.10 -6.58 -2.13
CA ASN A 341 24.26 -7.13 -0.76
C ASN A 341 23.68 -6.13 0.22
N ASP A 342 23.59 -4.87 -0.20
CA ASP A 342 23.08 -3.81 0.67
C ASP A 342 21.78 -3.22 0.15
N LEU A 343 21.03 -3.98 -0.63
CA LEU A 343 19.73 -3.49 -1.18
C LEU A 343 18.77 -3.18 -0.02
N TRP A 344 18.92 -3.89 1.09
CA TRP A 344 18.00 -3.71 2.24
C TRP A 344 17.96 -2.24 2.69
N LEU A 345 19.12 -1.59 2.72
CA LEU A 345 19.17 -0.18 3.22
C LEU A 345 18.31 0.72 2.33
N ASN A 346 18.45 0.57 1.00
CA ASN A 346 17.70 1.45 0.07
C ASN A 346 16.19 1.21 0.22
N GLU A 347 15.76 -0.04 0.12
CA GLU A 347 14.31 -0.35 0.15
C GLU A 347 13.75 -0.20 1.57
N GLY A 348 14.52 -0.59 2.59
CA GLY A 348 14.08 -0.45 3.98
C GLY A 348 13.86 1.00 4.35
N PHE A 349 14.83 1.87 4.02
CA PHE A 349 14.72 3.30 4.36
C PHE A 349 13.46 3.88 3.71
N ALA A 350 13.28 3.62 2.41
CA ALA A 350 12.10 4.14 1.69
C ALA A 350 10.82 3.55 2.28
N SER A 351 10.84 2.26 2.63
CA SER A 351 9.63 1.59 3.18
C SER A 351 9.28 2.20 4.54
N TYR A 352 10.22 2.93 5.16
CA TYR A 352 9.94 3.59 6.46
C TYR A 352 9.53 5.02 6.20
N VAL A 353 10.26 5.71 5.34
CA VAL A 353 9.98 7.15 5.08
C VAL A 353 8.78 7.30 4.15
N GLU A 354 8.27 6.20 3.58
CA GLU A 354 7.07 6.34 2.74
C GLU A 354 5.92 6.78 3.63
N TYR A 355 5.83 6.24 4.85
CA TYR A 355 4.72 6.56 5.78
C TYR A 355 4.88 8.01 6.25
N LEU A 356 6.12 8.46 6.41
CA LEU A 356 6.39 9.85 6.84
C LEU A 356 5.88 10.80 5.75
N GLY A 357 6.26 10.56 4.49
CA GLY A 357 5.85 11.44 3.38
C GLY A 357 4.36 11.39 3.14
N ALA A 358 3.76 10.21 3.26
CA ALA A 358 2.31 10.06 3.07
C ALA A 358 1.57 10.77 4.21
N ASP A 359 2.13 10.80 5.41
CA ASP A 359 1.49 11.55 6.52
C ASP A 359 1.48 13.04 6.17
N TYR A 360 2.55 13.57 5.60
CA TYR A 360 2.51 14.99 5.17
C TYR A 360 1.34 15.18 4.22
N ALA A 361 1.22 14.34 3.19
CA ALA A 361 0.17 14.53 2.17
C ALA A 361 -1.22 14.38 2.79
N GLU A 362 -1.44 13.29 3.52
CA GLU A 362 -2.76 13.07 4.19
C GLU A 362 -2.50 12.96 5.69
N PRO A 363 -2.49 14.07 6.45
CA PRO A 363 -2.15 14.04 7.87
C PRO A 363 -3.31 13.51 8.74
N THR A 364 -4.53 13.53 8.21
CA THR A 364 -5.72 13.09 8.98
C THR A 364 -5.69 11.58 9.17
N TRP A 365 -4.92 10.85 8.35
CA TRP A 365 -4.97 9.37 8.39
C TRP A 365 -4.11 8.75 9.49
N ASN A 366 -3.11 9.47 10.01
CA ASN A 366 -2.17 8.87 11.01
C ASN A 366 -1.57 7.60 10.42
N LEU A 367 -0.91 7.71 9.27
CA LEU A 367 -0.35 6.52 8.57
C LEU A 367 0.95 6.08 9.26
N LYS A 368 1.59 6.97 10.01
CA LYS A 368 2.92 6.66 10.61
C LYS A 368 2.76 5.61 11.70
N ASP A 369 1.53 5.17 11.98
CA ASP A 369 1.30 4.20 13.09
C ASP A 369 1.02 2.83 12.51
N LEU A 370 0.70 2.76 11.21
CA LEU A 370 0.33 1.47 10.58
C LEU A 370 1.60 0.76 10.08
N ILE A 371 2.77 1.38 10.24
CA ILE A 371 4.05 0.72 9.84
C ILE A 371 4.24 -0.52 10.71
N VAL A 372 3.80 -0.46 11.96
CA VAL A 372 3.88 -1.63 12.87
C VAL A 372 3.03 -2.74 12.27
N LEU A 373 1.80 -2.41 11.90
CA LEU A 373 0.84 -3.43 11.41
C LEU A 373 1.23 -3.91 10.00
N ASN A 374 1.53 -2.98 9.09
CA ASN A 374 1.78 -3.35 7.68
C ASN A 374 3.20 -3.82 7.38
N GLU A 375 4.19 -3.41 8.16
CA GLU A 375 5.60 -3.76 7.83
C GLU A 375 6.21 -4.65 8.91
N VAL A 376 6.18 -4.22 10.17
CA VAL A 376 6.83 -5.01 11.26
C VAL A 376 6.12 -6.34 11.40
N TYR A 377 4.82 -6.32 11.74
CA TYR A 377 4.07 -7.57 11.98
C TYR A 377 4.06 -8.46 10.73
N ARG A 378 4.11 -7.87 9.54
CA ARG A 378 4.15 -8.68 8.32
C ARG A 378 5.43 -9.49 8.24
N VAL A 379 6.57 -8.84 8.50
CA VAL A 379 7.86 -9.53 8.35
C VAL A 379 8.17 -10.46 9.52
N MET A 380 7.65 -10.18 10.71
CA MET A 380 7.94 -11.05 11.86
C MET A 380 7.41 -12.45 11.64
N ALA A 381 6.36 -12.60 10.85
CA ALA A 381 5.78 -13.92 10.60
C ALA A 381 6.79 -14.79 9.85
N VAL A 382 7.70 -14.18 9.09
CA VAL A 382 8.64 -14.93 8.26
C VAL A 382 10.01 -14.94 8.92
N ASP A 383 10.32 -13.90 9.69
CA ASP A 383 11.59 -13.84 10.40
C ASP A 383 11.60 -14.75 11.63
N ALA A 384 10.43 -15.22 12.06
CA ALA A 384 10.33 -16.17 13.17
C ALA A 384 10.39 -17.62 12.70
N LEU A 385 11.07 -17.89 11.59
CA LEU A 385 11.26 -19.23 11.09
C LEU A 385 12.75 -19.51 10.95
N ALA A 386 13.14 -20.77 11.02
CA ALA A 386 14.57 -21.13 10.90
C ALA A 386 15.03 -20.96 9.46
N SER A 387 14.11 -20.70 8.54
CA SER A 387 14.46 -20.51 7.13
C SER A 387 14.68 -19.05 6.76
N SER A 388 14.62 -18.14 7.73
CA SER A 388 14.81 -16.70 7.42
C SER A 388 16.29 -16.42 7.15
N HIS A 389 16.61 -15.17 6.86
CA HIS A 389 18.02 -14.82 6.50
C HIS A 389 18.41 -13.46 7.05
N PRO A 390 19.70 -13.23 7.38
CA PRO A 390 20.16 -11.93 7.85
C PRO A 390 19.84 -10.80 6.87
N LEU A 391 19.58 -9.59 7.39
CA LEU A 391 19.37 -8.46 6.49
C LEU A 391 20.55 -8.27 5.55
N SER A 392 21.77 -8.30 6.09
CA SER A 392 22.97 -8.05 5.31
C SER A 392 23.78 -9.33 5.17
N SER A 393 24.21 -9.61 3.94
CA SER A 393 25.10 -10.71 3.61
C SER A 393 26.37 -10.14 3.00
N PRO A 394 27.47 -10.90 3.00
CA PRO A 394 28.70 -10.41 2.36
C PRO A 394 28.49 -10.14 0.88
N ALA A 395 29.14 -9.09 0.38
CA ALA A 395 29.00 -8.73 -1.03
C ALA A 395 29.48 -9.84 -1.95
N SER A 396 30.42 -10.67 -1.48
CA SER A 396 30.90 -11.78 -2.28
C SER A 396 29.84 -12.85 -2.50
N GLU A 397 28.80 -12.88 -1.68
CA GLU A 397 27.79 -13.93 -1.78
C GLU A 397 26.73 -13.66 -2.84
N VAL A 398 26.60 -12.42 -3.30
CA VAL A 398 25.59 -12.04 -4.29
C VAL A 398 26.32 -11.78 -5.60
N ASN A 399 26.22 -12.73 -6.54
CA ASN A 399 26.90 -12.58 -7.83
C ASN A 399 25.91 -12.85 -8.96
N THR A 400 25.27 -14.02 -8.93
CA THR A 400 24.36 -14.41 -10.04
C THR A 400 23.18 -13.46 -10.20
N PRO A 401 22.72 -13.17 -11.44
CA PRO A 401 21.54 -12.35 -11.59
C PRO A 401 20.43 -12.94 -10.72
N ALA A 402 20.39 -14.27 -10.62
CA ALA A 402 19.33 -14.94 -9.84
C ALA A 402 19.58 -14.69 -8.35
N GLN A 403 20.85 -14.65 -7.93
CA GLN A 403 21.18 -14.37 -6.52
C GLN A 403 20.87 -12.90 -6.20
N ILE A 404 20.96 -12.02 -7.20
CA ILE A 404 20.64 -10.58 -7.01
C ILE A 404 19.14 -10.45 -6.76
N SER A 405 18.33 -11.26 -7.46
CA SER A 405 16.86 -11.11 -7.35
C SER A 405 16.37 -11.62 -6.00
N GLU A 406 17.12 -12.52 -5.36
CA GLU A 406 16.69 -13.10 -4.07
C GLU A 406 16.78 -12.04 -2.98
N VAL A 407 17.54 -10.97 -3.20
CA VAL A 407 17.71 -9.89 -2.18
C VAL A 407 16.42 -9.07 -2.13
N PHE A 408 15.59 -9.17 -3.15
CA PHE A 408 14.32 -8.42 -3.19
C PHE A 408 13.26 -9.22 -2.47
N ASP A 409 13.13 -9.04 -1.16
CA ASP A 409 12.18 -9.87 -0.36
C ASP A 409 11.62 -9.08 0.83
N SER A 410 10.76 -9.70 1.64
CA SER A 410 10.13 -9.03 2.80
C SER A 410 11.18 -8.61 3.83
N ILE A 411 12.21 -9.44 4.05
CA ILE A 411 13.22 -9.12 5.09
C ILE A 411 13.88 -7.81 4.69
N SER A 412 14.37 -7.72 3.46
CA SER A 412 15.10 -6.51 3.00
C SER A 412 14.19 -5.28 3.04
N TYR A 413 12.91 -5.42 2.73
CA TYR A 413 11.99 -4.25 2.65
C TYR A 413 11.36 -3.95 4.01
N SER A 414 10.64 -4.93 4.58
CA SER A 414 9.91 -4.69 5.85
C SER A 414 10.82 -4.76 7.07
N LYS A 415 11.60 -5.83 7.26
CA LYS A 415 12.53 -5.86 8.38
C LYS A 415 13.58 -4.77 8.22
N GLY A 416 13.95 -4.46 6.99
CA GLY A 416 14.87 -3.31 6.80
C GLY A 416 14.25 -2.07 7.43
N ALA A 417 13.00 -1.78 7.09
CA ALA A 417 12.30 -0.59 7.62
C ALA A 417 12.15 -0.70 9.12
N SER A 418 11.83 -1.88 9.61
CA SER A 418 11.65 -2.09 11.07
C SER A 418 12.96 -1.77 11.80
N VAL A 419 14.10 -2.17 11.24
CA VAL A 419 15.41 -1.93 11.91
C VAL A 419 15.74 -0.43 11.83
N LEU A 420 15.38 0.22 10.72
CA LEU A 420 15.71 1.65 10.53
C LEU A 420 14.72 2.53 11.31
N ARG A 421 13.53 2.03 11.63
CA ARG A 421 12.59 2.80 12.49
C ARG A 421 13.11 2.75 13.92
N MET A 422 13.69 1.62 14.34
CA MET A 422 14.28 1.50 15.69
C MET A 422 15.47 2.46 15.77
N LEU A 423 16.29 2.55 14.73
CA LEU A 423 17.41 3.53 14.74
C LEU A 423 16.82 4.92 14.98
N SER A 424 15.84 5.34 14.18
CA SER A 424 15.27 6.70 14.30
C SER A 424 14.57 6.87 15.64
N SER A 425 14.60 5.85 16.49
CA SER A 425 13.99 5.97 17.83
C SER A 425 15.06 6.33 18.86
N PHE A 426 16.08 5.49 19.03
CA PHE A 426 17.19 5.86 19.94
C PHE A 426 17.92 7.10 19.43
N LEU A 427 18.15 7.21 18.12
CA LEU A 427 18.94 8.34 17.57
C LEU A 427 18.11 9.63 17.61
N THR A 428 16.83 9.56 17.91
CA THR A 428 15.96 10.77 18.11
C THR A 428 15.42 11.40 16.82
N GLU A 429 15.61 10.80 15.65
CA GLU A 429 14.94 11.33 14.43
C GLU A 429 15.56 12.63 13.95
N ASP A 430 15.60 13.66 14.78
CA ASP A 430 16.26 14.89 14.30
C ASP A 430 17.72 14.56 14.02
N LEU A 431 18.36 13.81 14.91
CA LEU A 431 19.75 13.37 14.64
C LEU A 431 19.75 12.46 13.42
N PHE A 432 18.74 11.59 13.31
CA PHE A 432 18.69 10.64 12.19
C PHE A 432 18.58 11.42 10.90
N LYS A 433 17.75 12.46 10.88
CA LYS A 433 17.58 13.29 9.67
C LYS A 433 18.91 13.97 9.35
N LYS A 434 19.61 14.44 10.38
CA LYS A 434 20.88 15.17 10.17
C LYS A 434 21.89 14.24 9.53
N GLY A 435 21.93 13.00 9.99
CA GLY A 435 22.90 12.04 9.45
C GLY A 435 22.56 11.68 8.03
N VAL A 436 21.28 11.45 7.77
CA VAL A 436 20.86 11.11 6.38
C VAL A 436 21.21 12.29 5.47
N ALA A 437 20.97 13.52 5.95
CA ALA A 437 21.29 14.73 5.16
C ALA A 437 22.81 14.75 4.98
N SER A 438 23.55 14.55 6.07
CA SER A 438 25.04 14.53 5.99
C SER A 438 25.48 13.51 4.93
N TYR A 439 24.85 12.34 4.93
CA TYR A 439 25.17 11.26 3.95
C TYR A 439 24.85 11.64 2.51
N LEU A 440 23.70 12.29 2.28
CA LEU A 440 23.27 12.63 0.90
C LEU A 440 24.08 13.82 0.38
N HIS A 441 24.59 14.66 1.28
CA HIS A 441 25.42 15.81 0.86
C HIS A 441 26.85 15.36 0.58
N THR A 442 27.40 14.48 1.42
CA THR A 442 28.81 14.05 1.29
C THR A 442 28.98 13.03 0.16
N PHE A 443 28.06 12.07 0.06
CA PHE A 443 28.23 10.98 -0.94
C PHE A 443 27.26 11.15 -2.12
N ALA A 444 26.92 12.39 -2.45
CA ALA A 444 26.00 12.66 -3.58
C ALA A 444 26.65 12.25 -4.89
N TYR A 445 25.85 11.72 -5.81
CA TYR A 445 26.34 11.30 -7.15
C TYR A 445 27.46 10.27 -6.97
N GLN A 446 27.36 9.42 -5.94
CA GLN A 446 28.40 8.42 -5.62
C GLN A 446 27.74 7.15 -5.09
N ASN A 447 28.54 6.13 -4.76
CA ASN A 447 28.00 4.85 -4.26
C ASN A 447 28.43 4.68 -2.81
N THR A 448 27.69 3.89 -2.02
CA THR A 448 28.01 3.82 -0.58
C THR A 448 27.93 2.42 0.06
N ILE A 449 28.47 2.28 1.26
CA ILE A 449 28.38 1.02 2.05
C ILE A 449 27.48 1.38 3.23
N TYR A 450 26.77 0.43 3.81
CA TYR A 450 25.92 0.73 5.00
C TYR A 450 26.75 1.41 6.08
N LEU A 451 28.05 1.11 6.14
CA LEU A 451 28.95 1.69 7.17
C LEU A 451 28.94 3.20 6.90
N ASP A 452 28.90 3.60 5.64
CA ASP A 452 28.94 5.04 5.27
C ASP A 452 27.75 5.79 5.88
N LEU A 453 26.58 5.15 5.99
CA LEU A 453 25.43 5.80 6.67
C LEU A 453 25.69 5.76 8.18
N TRP A 454 26.07 4.61 8.73
CA TRP A 454 26.29 4.61 10.18
C TRP A 454 27.26 5.71 10.58
N ASN A 455 28.40 5.78 9.89
CA ASN A 455 29.43 6.79 10.22
C ASN A 455 28.78 8.15 10.36
N HIS A 456 27.98 8.56 9.37
CA HIS A 456 27.37 9.91 9.38
C HIS A 456 26.37 10.06 10.53
N LEU A 457 25.67 8.99 10.89
CA LEU A 457 24.66 9.04 11.98
C LEU A 457 25.39 9.05 13.33
N GLN A 458 26.57 8.43 13.41
CA GLN A 458 27.40 8.50 14.64
C GLN A 458 27.96 9.90 14.78
N TRP A 459 28.45 10.47 13.69
CA TRP A 459 29.03 11.83 13.72
C TRP A 459 27.97 12.82 14.21
N ALA A 460 26.72 12.58 13.83
CA ALA A 460 25.63 13.49 14.23
C ALA A 460 25.51 13.47 15.75
N LEU A 461 25.77 12.32 16.37
CA LEU A 461 25.64 12.20 17.83
C LEU A 461 26.84 12.91 18.45
N GLY A 462 27.98 12.85 17.78
CA GLY A 462 29.19 13.54 18.27
C GLY A 462 29.04 15.04 18.24
N ASN A 463 28.29 15.58 17.28
CA ASN A 463 28.05 17.04 17.20
C ASN A 463 26.92 17.41 18.16
N GLN A 464 26.53 16.46 19.04
CA GLN A 464 25.45 16.72 20.02
C GLN A 464 25.95 16.28 21.39
N THR A 465 25.30 16.75 22.45
CA THR A 465 25.69 16.31 23.82
C THR A 465 24.43 15.83 24.57
N ALA A 466 23.26 15.96 23.95
CA ALA A 466 22.00 15.60 24.64
C ALA A 466 21.80 14.09 24.56
N ILE A 467 21.87 13.50 23.38
CA ILE A 467 21.58 12.04 23.24
C ILE A 467 22.90 11.28 23.35
N ASN A 468 22.98 10.35 24.28
CA ASN A 468 24.24 9.58 24.51
C ASN A 468 23.90 8.09 24.47
N LEU A 469 24.46 7.37 23.50
CA LEU A 469 24.15 5.93 23.36
C LEU A 469 25.22 5.11 24.05
N PRO A 470 24.87 4.03 24.76
CA PRO A 470 25.84 3.22 25.48
C PRO A 470 26.82 2.50 24.55
N TYR A 471 26.43 2.25 23.30
CA TYR A 471 27.30 1.55 22.33
C TYR A 471 27.37 2.36 21.03
N THR A 472 28.21 1.92 20.09
CA THR A 472 28.28 2.61 18.80
C THR A 472 27.07 2.24 17.94
N VAL A 473 26.72 3.11 16.99
CA VAL A 473 25.59 2.79 16.07
C VAL A 473 25.99 1.55 15.28
N ASN A 474 27.25 1.45 14.91
CA ASN A 474 27.66 0.28 14.09
C ASN A 474 27.34 -1.01 14.83
N ALA A 475 27.79 -1.13 16.09
CA ALA A 475 27.61 -2.39 16.85
C ALA A 475 26.14 -2.69 17.12
N ILE A 476 25.39 -1.70 17.60
CA ILE A 476 23.96 -1.91 17.95
C ILE A 476 23.27 -2.51 16.72
N MET A 477 23.54 -1.96 15.54
CA MET A 477 22.82 -2.39 14.31
C MET A 477 23.41 -3.68 13.75
N ASP A 478 24.69 -3.97 14.03
CA ASP A 478 25.32 -5.23 13.56
C ASP A 478 24.55 -6.42 14.09
N ARG A 479 23.98 -6.30 15.29
CA ARG A 479 23.22 -7.41 15.90
C ARG A 479 21.93 -7.64 15.12
N TRP A 480 21.40 -6.62 14.46
CA TRP A 480 20.09 -6.74 13.77
C TRP A 480 20.25 -6.96 12.27
N ILE A 481 21.43 -6.65 11.71
CA ILE A 481 21.65 -6.77 10.25
C ILE A 481 22.52 -7.97 9.93
N LEU A 482 23.36 -8.46 10.85
CA LEU A 482 24.30 -9.55 10.53
C LEU A 482 23.81 -10.90 11.07
N GLN A 483 22.64 -10.93 11.71
CA GLN A 483 22.05 -12.21 12.18
C GLN A 483 20.55 -12.20 11.90
N MET A 484 19.96 -13.38 11.76
CA MET A 484 18.53 -13.47 11.39
C MET A 484 17.64 -13.52 12.62
N GLY A 485 16.35 -13.26 12.45
CA GLY A 485 15.41 -13.42 13.57
C GLY A 485 15.28 -12.20 14.44
N PHE A 486 14.44 -12.31 15.46
CA PHE A 486 14.23 -11.21 16.42
C PHE A 486 14.12 -11.83 17.81
N PRO A 487 14.36 -11.07 18.89
CA PRO A 487 14.31 -11.64 20.23
C PRO A 487 12.97 -11.54 20.95
N VAL A 488 12.72 -12.43 21.91
CA VAL A 488 11.49 -12.33 22.75
C VAL A 488 11.97 -11.95 24.15
N VAL A 489 11.55 -10.79 24.66
CA VAL A 489 12.05 -10.31 25.97
C VAL A 489 11.06 -10.76 27.05
N THR A 490 11.48 -11.72 27.89
CA THR A 490 10.64 -12.21 28.99
C THR A 490 11.05 -11.50 30.27
N VAL A 491 10.13 -10.77 30.92
CA VAL A 491 10.50 -9.97 32.12
C VAL A 491 9.84 -10.54 33.37
N ASP A 492 10.65 -11.08 34.31
CA ASP A 492 10.09 -11.51 35.58
C ASP A 492 9.99 -10.29 36.48
N THR A 493 8.76 -9.78 36.66
CA THR A 493 8.59 -8.50 37.33
C THR A 493 8.86 -8.59 38.82
N THR A 494 8.73 -9.78 39.42
CA THR A 494 9.05 -9.91 40.83
C THR A 494 10.51 -9.58 41.14
N THR A 495 11.44 -10.12 40.35
CA THR A 495 12.85 -9.84 40.51
C THR A 495 13.38 -8.77 39.56
N GLY A 496 12.61 -8.39 38.56
CA GLY A 496 13.04 -7.38 37.58
C GLY A 496 14.06 -7.93 36.60
N THR A 497 14.00 -9.23 36.32
CA THR A 497 15.00 -9.86 35.42
C THR A 497 14.46 -9.98 34.00
N LEU A 498 15.15 -9.38 33.03
CA LEU A 498 14.76 -9.50 31.60
C LEU A 498 15.53 -10.67 31.01
N SER A 499 14.96 -11.34 30.01
CA SER A 499 15.65 -12.45 29.32
C SER A 499 15.42 -12.30 27.82
N GLN A 500 16.40 -12.64 26.99
CA GLN A 500 16.17 -12.59 25.52
C GLN A 500 16.36 -14.00 24.94
N LYS A 501 15.58 -14.33 23.91
CA LYS A 501 15.68 -15.65 23.26
C LYS A 501 15.26 -15.49 21.80
N HIS A 502 15.91 -16.20 20.88
CA HIS A 502 15.51 -16.16 19.46
C HIS A 502 14.06 -16.64 19.37
N PHE A 503 13.17 -15.80 18.85
CA PHE A 503 11.74 -16.18 18.75
C PHE A 503 11.51 -16.95 17.47
N LEU A 504 11.13 -18.22 17.60
CA LEU A 504 10.76 -19.04 16.43
C LEU A 504 9.32 -19.52 16.70
N LEU A 505 8.41 -19.35 15.75
CA LEU A 505 6.97 -19.67 15.97
C LEU A 505 6.77 -21.17 16.18
N ASP A 506 7.53 -22.02 15.52
CA ASP A 506 7.38 -23.48 15.80
C ASP A 506 7.87 -23.74 17.22
N PRO A 507 7.15 -24.54 18.04
CA PRO A 507 7.63 -24.88 19.36
C PRO A 507 8.91 -25.69 19.20
N GLN A 508 8.94 -26.59 18.21
CA GLN A 508 10.17 -27.36 17.92
C GLN A 508 10.70 -26.81 16.59
N SER A 509 11.93 -26.33 16.58
CA SER A 509 12.47 -25.68 15.35
C SER A 509 13.96 -25.97 15.27
N ASN A 510 14.47 -26.12 14.06
CA ASN A 510 15.90 -26.55 13.95
C ASN A 510 16.66 -25.38 13.35
N VAL A 511 16.98 -24.37 14.17
CA VAL A 511 17.82 -23.26 13.62
C VAL A 511 19.22 -23.83 13.38
N THR A 512 19.60 -23.94 12.11
CA THR A 512 20.92 -24.51 11.76
C THR A 512 21.87 -23.39 11.34
N ARG A 513 21.33 -22.22 11.03
CA ARG A 513 22.18 -21.08 10.57
C ARG A 513 23.01 -20.57 11.74
N PRO A 514 24.33 -20.38 11.57
CA PRO A 514 25.18 -19.84 12.63
C PRO A 514 25.13 -18.32 12.81
N SER A 515 25.42 -17.81 14.01
CA SER A 515 25.49 -16.35 14.24
C SER A 515 26.74 -16.03 15.07
N LYS A 516 27.39 -14.90 14.79
CA LYS A 516 28.59 -14.49 15.55
C LYS A 516 28.16 -14.03 16.94
N PHE A 517 26.91 -13.57 17.06
CA PHE A 517 26.44 -13.00 18.36
C PHE A 517 25.61 -14.05 19.09
N ASN A 518 25.69 -15.31 18.66
CA ASN A 518 24.99 -16.42 19.36
C ASN A 518 23.51 -16.09 19.57
N TYR A 519 22.88 -15.47 18.58
CA TYR A 519 21.43 -15.15 18.64
C TYR A 519 21.10 -14.37 19.92
N LEU A 520 21.92 -13.36 20.22
CA LEU A 520 21.64 -12.45 21.36
C LEU A 520 21.74 -11.04 20.78
N TRP A 521 20.78 -10.17 21.09
CA TRP A 521 20.74 -8.83 20.46
C TRP A 521 20.91 -7.69 21.47
N ILE A 522 21.41 -6.54 21.03
CA ILE A 522 21.46 -5.33 21.91
C ILE A 522 20.09 -4.68 21.74
N ILE A 523 19.23 -4.73 22.76
CA ILE A 523 17.83 -4.27 22.57
C ILE A 523 17.56 -2.91 23.22
N PRO A 524 17.03 -1.92 22.48
CA PRO A 524 16.62 -0.65 23.07
C PRO A 524 15.27 -0.89 23.74
N ILE A 525 15.13 -0.65 25.04
CA ILE A 525 13.89 -1.02 25.72
C ILE A 525 13.29 0.23 26.35
N SER A 526 12.29 0.81 25.67
CA SER A 526 11.44 1.81 26.30
C SER A 526 10.35 1.10 27.09
N SER A 527 10.05 1.61 28.28
CA SER A 527 9.13 0.96 29.19
C SER A 527 8.19 1.96 29.83
N VAL A 528 7.07 1.46 30.33
CA VAL A 528 6.10 2.23 31.10
C VAL A 528 5.71 1.43 32.34
N LYS A 529 5.67 2.11 33.48
CA LYS A 529 5.30 1.51 34.75
C LYS A 529 3.99 2.14 35.22
N SER A 530 2.91 1.39 35.10
CA SER A 530 1.58 1.83 35.54
C SER A 530 1.19 3.17 34.93
N GLY A 531 1.39 3.30 33.61
CA GLY A 531 0.89 4.42 32.84
C GLY A 531 1.92 5.52 32.60
N THR A 532 2.88 5.64 33.52
CA THR A 532 3.90 6.72 33.44
C THR A 532 5.17 6.20 32.77
N GLN A 533 5.65 6.92 31.75
CA GLN A 533 6.84 6.48 30.99
C GLN A 533 8.06 6.44 31.92
N GLN A 534 8.87 5.39 31.79
CA GLN A 534 10.09 5.27 32.61
C GLN A 534 11.30 5.68 31.77
N ALA A 535 12.49 5.64 32.36
CA ALA A 535 13.70 5.96 31.63
C ALA A 535 13.98 4.90 30.59
N HIS A 536 14.68 5.31 29.53
CA HIS A 536 15.04 4.36 28.48
C HIS A 536 16.07 3.36 28.99
N TYR A 537 16.02 2.15 28.43
CA TYR A 537 16.93 1.09 28.81
C TYR A 537 17.65 0.53 27.59
N TRP A 538 18.84 -0.03 27.82
CA TRP A 538 19.61 -0.66 26.72
C TRP A 538 20.08 -2.03 27.17
N MET A 539 19.32 -3.08 26.87
CA MET A 539 19.67 -4.46 27.31
C MET A 539 20.85 -4.96 26.49
N PRO A 540 21.93 -5.47 27.10
CA PRO A 540 23.10 -5.88 26.36
C PRO A 540 22.91 -7.18 25.56
N ASP A 541 23.95 -7.59 24.83
CA ASP A 541 23.90 -8.85 24.05
C ASP A 541 24.14 -10.02 25.00
N ASN A 542 23.41 -10.04 26.12
CA ASN A 542 23.57 -11.10 27.14
C ASN A 542 22.20 -11.75 27.38
N ALA A 543 22.17 -13.05 27.61
CA ALA A 543 20.89 -13.78 27.76
C ALA A 543 19.99 -13.15 28.83
N LYS A 544 20.51 -12.96 30.04
CA LYS A 544 19.64 -12.46 31.14
C LYS A 544 20.36 -11.33 31.88
N VAL A 545 19.61 -10.29 32.28
CA VAL A 545 20.16 -9.19 33.10
C VAL A 545 19.05 -8.68 34.01
N GLN A 546 19.37 -7.85 34.99
CA GLN A 546 18.40 -7.36 35.96
C GLN A 546 18.46 -5.84 36.09
N ASN A 547 17.31 -5.23 36.31
CA ASN A 547 17.24 -3.79 36.55
C ASN A 547 15.94 -3.47 37.26
N ASP A 548 16.01 -2.65 38.32
CA ASP A 548 14.84 -2.34 39.12
C ASP A 548 13.79 -1.54 38.38
N LEU A 549 14.10 -1.08 37.16
CA LEU A 549 13.08 -0.45 36.32
C LEU A 549 11.91 -1.38 36.06
N PHE A 550 12.18 -2.69 36.03
CA PHE A 550 11.18 -3.68 35.67
C PHE A 550 10.78 -4.54 36.88
N LYS A 551 10.92 -4.00 38.08
CA LYS A 551 10.58 -4.68 39.32
C LYS A 551 9.30 -4.06 39.89
N THR A 552 8.21 -4.81 39.75
CA THR A 552 6.89 -4.29 40.17
C THR A 552 6.51 -4.75 41.56
N THR A 553 5.62 -3.99 42.21
CA THR A 553 5.12 -4.28 43.54
C THR A 553 3.65 -3.93 43.62
N GLY A 554 2.80 -4.92 43.91
CA GLY A 554 1.37 -4.64 44.08
C GLY A 554 0.66 -4.43 42.76
N ASP A 555 0.04 -3.26 42.58
CA ASP A 555 -0.76 -2.98 41.36
C ASP A 555 0.14 -2.40 40.26
N GLU A 556 1.44 -2.26 40.53
CA GLU A 556 2.37 -1.71 39.52
C GLU A 556 2.48 -2.69 38.36
N TRP A 557 2.24 -2.22 37.14
CA TRP A 557 2.41 -3.07 35.94
C TRP A 557 3.40 -2.41 34.99
N VAL A 558 4.20 -3.21 34.27
CA VAL A 558 5.17 -2.67 33.28
C VAL A 558 4.75 -3.09 31.87
N LEU A 559 4.90 -2.19 30.90
CA LEU A 559 4.60 -2.51 29.48
C LEU A 559 5.81 -2.06 28.66
N LEU A 560 6.38 -2.93 27.83
CA LEU A 560 7.64 -2.59 27.12
C LEU A 560 7.38 -2.35 25.63
N ASN A 561 8.40 -1.87 24.91
CA ASN A 561 8.31 -1.56 23.45
C ASN A 561 7.18 -0.59 23.20
N LEU A 562 7.26 0.62 23.75
CA LEU A 562 6.11 1.51 23.59
C LEU A 562 6.00 1.87 22.11
N ASN A 563 4.82 1.74 21.53
CA ASN A 563 4.57 2.14 20.13
C ASN A 563 5.26 1.13 19.22
N VAL A 564 5.75 0.04 19.79
CA VAL A 564 6.44 -1.03 18.99
C VAL A 564 7.55 -0.40 18.15
N THR A 565 8.33 0.52 18.72
CA THR A 565 9.48 1.12 18.00
C THR A 565 10.51 0.04 17.70
N GLY A 566 10.74 -0.87 18.64
CA GLY A 566 11.77 -1.90 18.47
C GLY A 566 11.32 -3.13 17.73
N TYR A 567 12.26 -4.01 17.37
CA TYR A 567 11.93 -5.21 16.62
C TYR A 567 12.08 -6.44 17.52
N TYR A 568 11.16 -6.54 18.49
CA TYR A 568 11.21 -7.65 19.43
C TYR A 568 9.83 -7.89 20.03
N LEU A 569 9.61 -9.13 20.46
CA LEU A 569 8.41 -9.52 21.16
C LEU A 569 8.64 -9.41 22.66
N VAL A 570 7.57 -9.14 23.40
CA VAL A 570 7.66 -8.91 24.84
C VAL A 570 6.73 -9.89 25.56
N ASN A 571 7.27 -10.58 26.56
CA ASN A 571 6.51 -11.48 27.42
C ASN A 571 6.77 -11.12 28.87
N TYR A 572 5.71 -11.13 29.66
CA TYR A 572 5.81 -10.78 31.10
C TYR A 572 5.42 -11.99 31.93
N ASP A 573 5.47 -11.87 33.26
CA ASP A 573 4.99 -12.99 34.13
C ASP A 573 3.46 -13.03 34.11
N GLN A 574 2.84 -14.16 34.49
CA GLN A 574 1.36 -14.19 34.35
C GLN A 574 0.77 -13.01 35.11
N ASN A 575 1.26 -12.75 36.31
CA ASN A 575 0.63 -11.66 37.10
C ASN A 575 0.62 -10.33 36.33
N ASN A 576 1.73 -9.97 35.70
CA ASN A 576 1.79 -8.65 35.01
C ASN A 576 0.86 -8.66 33.81
N TRP A 577 0.76 -9.79 33.11
CA TRP A 577 -0.19 -9.87 32.00
C TRP A 577 -1.58 -9.53 32.54
N LYS A 578 -1.95 -10.13 33.66
CA LYS A 578 -3.32 -9.91 34.20
C LYS A 578 -3.50 -8.44 34.55
N LYS A 579 -2.47 -7.84 35.13
CA LYS A 579 -2.57 -6.42 35.56
C LYS A 579 -2.71 -5.58 34.29
N ILE A 580 -2.09 -6.03 33.19
CA ILE A 580 -2.28 -5.31 31.90
C ILE A 580 -3.71 -5.56 31.44
N HIS A 581 -4.20 -6.79 31.55
CA HIS A 581 -5.56 -7.13 31.08
C HIS A 581 -6.61 -6.41 31.93
N THR A 582 -6.38 -6.30 33.24
CA THR A 582 -7.33 -5.55 34.11
C THR A 582 -7.30 -4.06 33.77
N GLN A 583 -6.13 -3.52 33.40
CA GLN A 583 -6.06 -2.10 32.97
C GLN A 583 -6.86 -1.94 31.68
N LEU A 584 -6.71 -2.88 30.74
CA LEU A 584 -7.45 -2.82 29.46
C LEU A 584 -8.95 -2.88 29.74
N GLN A 585 -9.35 -3.40 30.90
CA GLN A 585 -10.79 -3.42 31.30
C GLN A 585 -11.06 -2.22 32.21
N THR A 586 -10.47 -2.11 33.39
CA THR A 586 -10.63 -0.85 34.17
C THR A 586 -10.60 0.40 33.26
N ASP A 587 -9.50 0.66 32.51
CA ASP A 587 -9.40 1.83 31.57
C ASP A 587 -8.27 1.60 30.54
N LEU A 588 -8.59 1.54 29.25
CA LEU A 588 -7.56 1.18 28.22
C LEU A 588 -6.74 2.37 27.73
N SER A 589 -7.28 3.58 27.72
CA SER A 589 -6.57 4.78 27.19
C SER A 589 -5.17 4.85 27.79
N VAL A 590 -5.01 4.38 29.02
CA VAL A 590 -3.68 4.40 29.71
C VAL A 590 -2.66 3.67 28.82
N ILE A 591 -3.06 2.54 28.22
CA ILE A 591 -2.12 1.76 27.33
C ILE A 591 -2.29 2.27 25.90
N PRO A 592 -1.22 2.69 25.17
CA PRO A 592 -1.40 3.25 23.84
C PRO A 592 -2.04 2.27 22.83
N VAL A 593 -2.55 2.78 21.72
CA VAL A 593 -3.27 1.93 20.73
C VAL A 593 -2.30 0.90 20.14
N ILE A 594 -1.09 1.32 19.79
CA ILE A 594 -0.11 0.41 19.13
C ILE A 594 0.31 -0.67 20.13
N ASN A 595 0.28 -0.36 21.42
CA ASN A 595 0.65 -1.34 22.47
C ASN A 595 -0.57 -2.20 22.81
N ARG A 596 -1.77 -1.68 22.56
CA ARG A 596 -3.01 -2.49 22.77
C ARG A 596 -3.06 -3.58 21.71
N ALA A 597 -2.49 -3.32 20.52
CA ALA A 597 -2.42 -4.36 19.48
C ALA A 597 -1.29 -5.31 19.84
N GLN A 598 -0.26 -4.81 20.51
CA GLN A 598 0.90 -5.65 20.89
C GLN A 598 0.40 -6.77 21.79
N VAL A 599 -0.39 -6.43 22.81
CA VAL A 599 -0.83 -7.45 23.80
C VAL A 599 -1.68 -8.51 23.09
N ILE A 600 -2.14 -8.24 21.87
CA ILE A 600 -2.91 -9.26 21.11
C ILE A 600 -1.95 -10.02 20.19
N HIS A 601 -1.25 -9.31 19.31
CA HIS A 601 -0.32 -9.96 18.36
C HIS A 601 0.72 -10.77 19.13
N ASP A 602 1.33 -10.16 20.15
CA ASP A 602 2.43 -10.85 20.87
C ASP A 602 1.88 -12.12 21.54
N THR A 603 0.77 -12.03 22.27
CA THR A 603 0.25 -13.20 23.03
C THR A 603 -0.08 -14.35 22.09
N PHE A 604 -0.74 -14.07 20.97
CA PHE A 604 -1.10 -15.13 20.00
C PHE A 604 0.16 -15.74 19.39
N ASP A 605 1.18 -14.91 19.13
CA ASP A 605 2.44 -15.40 18.52
C ASP A 605 3.19 -16.25 19.55
N LEU A 606 3.15 -15.85 20.81
CA LEU A 606 3.80 -16.62 21.90
C LEU A 606 3.06 -17.94 22.07
N ALA A 607 1.74 -17.93 21.92
CA ALA A 607 0.92 -19.16 22.05
C ALA A 607 1.25 -20.12 20.91
N SER A 608 1.50 -19.62 19.72
CA SER A 608 1.90 -20.50 18.59
C SER A 608 3.22 -21.19 18.93
N ALA A 609 4.10 -20.52 19.67
CA ALA A 609 5.41 -21.07 20.07
C ALA A 609 5.30 -21.84 21.38
N GLN A 610 4.10 -21.86 21.97
CA GLN A 610 3.84 -22.58 23.24
C GLN A 610 4.68 -21.96 24.34
N ILE A 611 4.89 -20.65 24.30
CA ILE A 611 5.60 -19.98 25.42
C ILE A 611 4.52 -19.57 26.43
N VAL A 612 3.36 -19.14 25.94
CA VAL A 612 2.22 -18.78 26.84
C VAL A 612 1.03 -19.67 26.45
N PRO A 613 0.04 -19.96 27.33
CA PRO A 613 -1.12 -20.75 26.90
C PRO A 613 -2.02 -20.01 25.89
N VAL A 614 -2.79 -20.76 25.10
CA VAL A 614 -3.71 -20.16 24.09
C VAL A 614 -4.76 -19.33 24.83
N THR A 615 -4.99 -19.61 26.10
CA THR A 615 -6.03 -18.89 26.88
C THR A 615 -5.60 -17.43 27.10
N LEU A 616 -4.29 -17.18 27.19
CA LEU A 616 -3.79 -15.80 27.40
C LEU A 616 -4.03 -15.01 26.13
N ALA A 617 -3.81 -15.64 24.99
CA ALA A 617 -4.00 -14.96 23.69
C ALA A 617 -5.46 -14.55 23.56
N LEU A 618 -6.37 -15.49 23.81
CA LEU A 618 -7.81 -15.21 23.68
C LEU A 618 -8.20 -14.17 24.73
N ASN A 619 -7.55 -14.18 25.89
CA ASN A 619 -7.82 -13.20 26.96
C ASN A 619 -7.58 -11.79 26.44
N SER A 620 -6.59 -11.63 25.57
CA SER A 620 -6.22 -10.29 25.03
C SER A 620 -7.33 -9.75 24.12
N THR A 621 -8.28 -10.60 23.71
CA THR A 621 -9.37 -10.17 22.81
C THR A 621 -10.61 -9.77 23.62
N LEU A 622 -10.47 -9.55 24.94
CA LEU A 622 -11.64 -9.27 25.79
C LEU A 622 -11.91 -7.77 25.91
N PHE A 623 -10.89 -6.92 25.73
CA PHE A 623 -11.06 -5.45 25.89
C PHE A 623 -11.70 -4.87 24.64
N LEU A 624 -11.91 -5.71 23.63
CA LEU A 624 -12.42 -5.20 22.32
C LEU A 624 -13.89 -4.78 22.32
N ASN A 625 -14.62 -5.06 23.40
CA ASN A 625 -16.01 -4.54 23.50
C ASN A 625 -15.99 -3.05 23.91
N GLN A 626 -14.79 -2.58 24.27
CA GLN A 626 -14.62 -1.17 24.71
C GLN A 626 -13.63 -0.53 23.72
N GLU A 627 -13.30 -1.23 22.64
CA GLU A 627 -12.27 -0.71 21.68
C GLU A 627 -12.94 -0.24 20.40
N THR A 628 -12.59 0.96 19.94
CA THR A 628 -13.14 1.51 18.67
C THR A 628 -11.98 1.72 17.71
N GLU A 629 -10.76 1.38 18.12
CA GLU A 629 -9.56 1.62 17.27
C GLU A 629 -9.35 0.46 16.29
N TYR A 630 -8.62 0.71 15.21
CA TYR A 630 -8.45 -0.29 14.14
C TYR A 630 -7.32 -1.26 14.51
N MET A 631 -6.14 -0.74 14.81
CA MET A 631 -4.99 -1.64 15.04
C MET A 631 -5.33 -2.72 16.07
N PRO A 632 -5.83 -2.43 17.30
CA PRO A 632 -6.12 -3.50 18.24
C PRO A 632 -7.11 -4.52 17.66
N TRP A 633 -8.11 -4.06 16.91
CA TRP A 633 -9.14 -4.98 16.36
C TRP A 633 -8.56 -5.83 15.22
N GLU A 634 -7.80 -5.23 14.30
CA GLU A 634 -7.23 -5.98 13.15
C GLU A 634 -6.26 -7.05 13.67
N ALA A 635 -5.49 -6.72 14.71
CA ALA A 635 -4.50 -7.67 15.26
C ALA A 635 -5.21 -8.92 15.78
N ALA A 636 -6.44 -8.77 16.24
CA ALA A 636 -7.22 -9.92 16.76
C ALA A 636 -7.85 -10.67 15.59
N LEU A 637 -8.47 -9.93 14.66
CA LEU A 637 -9.18 -10.56 13.53
C LEU A 637 -8.17 -11.31 12.65
N SER A 638 -6.92 -10.86 12.62
CA SER A 638 -5.87 -11.55 11.84
C SER A 638 -5.48 -12.85 12.53
N SER A 639 -5.30 -12.82 13.85
CA SER A 639 -4.87 -14.00 14.62
C SER A 639 -6.02 -15.02 14.73
N LEU A 640 -7.26 -14.54 14.83
CA LEU A 640 -8.43 -15.44 15.02
C LEU A 640 -8.90 -16.00 13.66
N SER A 641 -8.24 -15.62 12.57
CA SER A 641 -8.58 -16.19 11.24
C SER A 641 -8.23 -17.68 11.23
N TYR A 642 -7.10 -18.06 11.82
CA TYR A 642 -6.68 -19.49 11.86
C TYR A 642 -7.67 -20.27 12.71
N PHE A 643 -8.09 -19.68 13.82
CA PHE A 643 -9.06 -20.35 14.71
C PHE A 643 -10.31 -20.65 13.89
N LYS A 644 -10.83 -19.67 13.16
CA LYS A 644 -12.04 -19.88 12.33
C LYS A 644 -11.74 -20.96 11.30
N LEU A 645 -10.61 -20.87 10.59
CA LEU A 645 -10.29 -21.84 9.52
C LEU A 645 -10.32 -23.26 10.06
N MET A 646 -9.81 -23.47 11.27
CA MET A 646 -9.74 -24.84 11.84
C MET A 646 -11.05 -25.24 12.52
N PHE A 647 -11.85 -24.26 12.97
CA PHE A 647 -13.06 -24.58 13.77
C PHE A 647 -14.38 -24.15 13.12
N ASP A 648 -14.39 -23.68 11.88
CA ASP A 648 -15.65 -23.17 11.26
C ASP A 648 -16.59 -24.34 10.93
N ARG A 649 -16.04 -25.54 10.80
CA ARG A 649 -16.85 -26.74 10.50
C ARG A 649 -16.80 -27.66 11.71
N SER A 650 -16.58 -27.12 12.90
CA SER A 650 -16.39 -27.98 14.09
C SER A 650 -17.40 -27.70 15.18
N GLU A 651 -17.33 -28.48 16.26
CA GLU A 651 -18.25 -28.33 17.37
C GLU A 651 -18.12 -26.97 18.05
N VAL A 652 -16.94 -26.35 17.97
CA VAL A 652 -16.63 -25.20 18.81
C VAL A 652 -16.82 -23.87 18.07
N TYR A 653 -17.52 -23.88 16.93
CA TYR A 653 -17.71 -22.63 16.20
C TYR A 653 -18.85 -21.82 16.79
N GLY A 654 -19.87 -22.49 17.29
CA GLY A 654 -21.00 -21.79 17.94
C GLY A 654 -20.50 -20.91 19.06
N PRO A 655 -19.82 -21.45 20.09
CA PRO A 655 -19.22 -20.62 21.12
C PRO A 655 -18.38 -19.47 20.54
N MET A 656 -17.51 -19.76 19.56
CA MET A 656 -16.64 -18.73 18.95
C MET A 656 -17.50 -17.62 18.34
N LYS A 657 -18.50 -17.98 17.56
CA LYS A 657 -19.38 -16.97 16.91
C LYS A 657 -20.08 -16.12 17.97
N ASN A 658 -20.59 -16.75 19.02
CA ASN A 658 -21.35 -15.99 20.06
C ASN A 658 -20.40 -15.06 20.81
N TYR A 659 -19.17 -15.48 21.07
CA TYR A 659 -18.18 -14.60 21.75
C TYR A 659 -17.86 -13.41 20.86
N LEU A 660 -17.56 -13.66 19.58
CA LEU A 660 -17.16 -12.56 18.69
C LEU A 660 -18.38 -11.70 18.35
N ARG A 661 -19.58 -12.26 18.46
CA ARG A 661 -20.80 -11.44 18.27
C ARG A 661 -20.92 -10.48 19.44
N LYS A 662 -20.72 -10.99 20.66
CA LYS A 662 -20.84 -10.14 21.87
C LYS A 662 -19.77 -9.05 21.85
N GLN A 663 -18.60 -9.34 21.26
CA GLN A 663 -17.48 -8.35 21.31
C GLN A 663 -17.59 -7.36 20.15
N VAL A 664 -18.25 -7.74 19.05
CA VAL A 664 -18.31 -6.84 17.86
C VAL A 664 -19.59 -6.00 17.91
N THR A 665 -20.58 -6.44 18.70
CA THR A 665 -21.87 -5.69 18.78
C THR A 665 -21.60 -4.25 19.20
N PRO A 666 -20.85 -3.95 20.29
CA PRO A 666 -20.52 -2.56 20.63
C PRO A 666 -19.86 -1.79 19.48
N LEU A 667 -18.92 -2.40 18.76
CA LEU A 667 -18.21 -1.68 17.67
C LEU A 667 -19.22 -1.33 16.57
N PHE A 668 -20.07 -2.28 16.19
CA PHE A 668 -21.07 -2.02 15.13
C PHE A 668 -21.95 -0.86 15.56
N ASN A 669 -22.41 -0.89 16.80
CA ASN A 669 -23.31 0.18 17.31
C ASN A 669 -22.57 1.51 17.35
N HIS A 670 -21.26 1.49 17.64
CA HIS A 670 -20.45 2.74 17.64
C HIS A 670 -20.51 3.38 16.26
N PHE A 671 -20.21 2.61 15.21
CA PHE A 671 -20.18 3.18 13.85
C PHE A 671 -21.60 3.53 13.42
N GLU A 672 -22.57 2.68 13.75
CA GLU A 672 -23.99 3.00 13.44
C GLU A 672 -24.29 4.42 13.92
N LYS A 673 -23.82 4.77 15.11
CA LYS A 673 -24.11 6.10 15.71
C LYS A 673 -23.35 7.18 14.96
N ILE A 674 -22.03 7.04 14.83
CA ILE A 674 -21.20 8.13 14.23
C ILE A 674 -21.54 8.31 12.74
N THR A 675 -22.12 7.29 12.10
CA THR A 675 -22.41 7.37 10.65
C THR A 675 -23.87 7.72 10.42
N GLN A 676 -24.60 8.06 11.47
CA GLN A 676 -26.06 8.35 11.37
C GLN A 676 -26.73 7.19 10.63
N ASN A 677 -26.79 6.02 11.26
CA ASN A 677 -27.41 4.83 10.64
C ASN A 677 -26.78 4.56 9.29
N TRP A 678 -25.44 4.53 9.23
CA TRP A 678 -24.73 4.18 7.98
C TRP A 678 -25.13 5.10 6.82
N THR A 679 -25.07 6.41 7.03
CA THR A 679 -25.33 7.38 5.94
C THR A 679 -24.08 8.20 5.69
N ASP A 680 -23.55 8.84 6.72
CA ASP A 680 -22.35 9.70 6.57
C ASP A 680 -21.13 8.93 7.08
N HIS A 681 -20.30 8.40 6.18
CA HIS A 681 -19.16 7.53 6.58
C HIS A 681 -17.96 8.37 7.06
N PRO A 682 -17.06 7.80 7.89
CA PRO A 682 -15.92 8.54 8.43
C PRO A 682 -14.91 9.02 7.38
N GLN A 683 -13.94 9.86 7.77
CA GLN A 683 -13.00 10.43 6.77
C GLN A 683 -11.54 10.09 7.11
N THR A 684 -11.28 9.28 8.13
CA THR A 684 -9.89 8.84 8.45
C THR A 684 -9.70 7.40 7.98
N LEU A 685 -8.58 7.08 7.33
CA LEU A 685 -8.31 5.72 6.80
C LEU A 685 -8.54 4.68 7.89
N THR A 686 -7.93 4.88 9.06
CA THR A 686 -8.04 3.88 10.14
C THR A 686 -9.52 3.65 10.48
N GLU A 687 -10.31 4.71 10.60
CA GLU A 687 -11.73 4.59 10.98
C GLU A 687 -12.51 3.90 9.85
N GLN A 688 -12.24 4.27 8.61
CA GLN A 688 -12.97 3.67 7.46
C GLN A 688 -12.66 2.17 7.43
N TYR A 689 -11.42 1.80 7.77
CA TYR A 689 -11.02 0.37 7.78
C TYR A 689 -11.78 -0.37 8.87
N ASN A 690 -11.88 0.20 10.06
CA ASN A 690 -12.56 -0.50 11.19
C ASN A 690 -14.07 -0.52 10.91
N GLU A 691 -14.57 0.38 10.06
CA GLU A 691 -16.01 0.33 9.68
C GLU A 691 -16.22 -0.93 8.85
N ILE A 692 -15.33 -1.18 7.90
CA ILE A 692 -15.42 -2.43 7.08
C ILE A 692 -15.33 -3.61 8.05
N ASN A 693 -14.37 -3.56 8.98
CA ASN A 693 -14.18 -4.67 9.94
C ASN A 693 -15.44 -4.81 10.79
N ALA A 694 -16.01 -3.70 11.25
CA ALA A 694 -17.24 -3.73 12.06
C ALA A 694 -18.35 -4.37 11.24
N VAL A 695 -18.58 -3.87 10.03
CA VAL A 695 -19.70 -4.40 9.24
C VAL A 695 -19.51 -5.86 8.91
N SER A 696 -18.34 -6.21 8.39
CA SER A 696 -18.11 -7.60 7.94
C SER A 696 -18.14 -8.54 9.13
N THR A 697 -17.48 -8.17 10.21
CA THR A 697 -17.35 -9.08 11.35
C THR A 697 -18.71 -9.26 12.01
N ALA A 698 -19.42 -8.15 12.27
CA ALA A 698 -20.74 -8.24 12.88
C ALA A 698 -21.67 -9.13 12.07
N CYS A 699 -21.48 -9.16 10.75
CA CYS A 699 -22.37 -9.94 9.90
C CYS A 699 -22.01 -11.42 9.89
N THR A 700 -20.73 -11.76 9.63
CA THR A 700 -20.33 -13.16 9.56
C THR A 700 -20.43 -13.85 10.92
N TYR A 701 -20.86 -13.08 11.93
CA TYR A 701 -21.03 -13.65 13.30
C TYR A 701 -22.49 -13.49 13.74
N GLY A 702 -23.39 -13.04 12.85
CA GLY A 702 -24.81 -13.06 13.12
C GLY A 702 -25.35 -11.93 13.98
N VAL A 703 -25.04 -10.69 13.62
CA VAL A 703 -25.64 -9.52 14.27
C VAL A 703 -26.95 -9.21 13.54
N PRO A 704 -28.12 -9.17 14.22
CA PRO A 704 -29.37 -8.94 13.52
C PRO A 704 -29.37 -7.66 12.68
N LYS A 705 -28.96 -6.54 13.27
CA LYS A 705 -29.02 -5.25 12.55
C LYS A 705 -28.15 -5.29 11.30
N CYS A 706 -27.01 -5.96 11.36
CA CYS A 706 -26.09 -5.99 10.19
C CYS A 706 -26.80 -6.68 9.03
N LYS A 707 -27.61 -7.68 9.33
CA LYS A 707 -28.35 -8.32 8.23
C LYS A 707 -29.39 -7.39 7.64
N ASP A 708 -29.95 -6.48 8.45
CA ASP A 708 -30.90 -5.51 7.93
C ASP A 708 -30.22 -4.46 7.06
N LEU A 709 -29.01 -4.06 7.44
CA LEU A 709 -28.27 -3.08 6.64
C LEU A 709 -27.90 -3.66 5.28
N VAL A 710 -27.47 -4.91 5.24
CA VAL A 710 -27.14 -5.56 3.97
C VAL A 710 -28.38 -5.67 3.09
N SER A 711 -29.49 -6.13 3.68
CA SER A 711 -30.72 -6.30 2.91
C SER A 711 -31.18 -4.97 2.32
N THR A 712 -31.17 -3.90 3.13
CA THR A 712 -31.62 -2.60 2.65
C THR A 712 -30.73 -2.08 1.53
N LEU A 713 -29.41 -2.07 1.75
CA LEU A 713 -28.49 -1.56 0.74
C LEU A 713 -28.61 -2.34 -0.57
N PHE A 714 -28.72 -3.66 -0.48
CA PHE A 714 -28.84 -4.45 -1.70
C PHE A 714 -30.19 -4.24 -2.36
N ALA A 715 -31.24 -4.04 -1.56
CA ALA A 715 -32.58 -3.80 -2.14
C ALA A 715 -32.57 -2.54 -3.00
N GLU A 716 -32.01 -1.45 -2.45
CA GLU A 716 -31.97 -0.16 -3.16
C GLU A 716 -31.15 -0.31 -4.43
N TRP A 717 -30.06 -1.08 -4.39
CA TRP A 717 -29.21 -1.33 -5.59
C TRP A 717 -30.02 -2.09 -6.65
N ARG A 718 -30.85 -3.06 -6.26
CA ARG A 718 -31.54 -3.82 -7.33
C ARG A 718 -32.42 -2.84 -8.09
N LYS A 719 -33.13 -1.96 -7.39
CA LYS A 719 -33.87 -0.88 -8.07
C LYS A 719 -32.80 0.10 -8.54
N ASN A 720 -33.01 0.87 -9.61
CA ASN A 720 -31.91 1.79 -10.04
C ASN A 720 -30.55 1.07 -10.04
N PRO A 721 -30.34 0.03 -10.86
CA PRO A 721 -29.06 -0.69 -10.89
C PRO A 721 -27.88 0.20 -11.30
N GLN A 722 -28.08 1.09 -12.27
CA GLN A 722 -26.98 1.92 -12.83
C GLN A 722 -26.33 2.79 -11.76
N ASN A 723 -27.12 3.38 -10.87
CA ASN A 723 -26.52 4.17 -9.77
C ASN A 723 -26.47 3.29 -8.53
N ASN A 724 -25.27 3.05 -8.00
CA ASN A 724 -25.10 2.12 -6.86
C ASN A 724 -25.09 2.89 -5.56
N PRO A 725 -26.06 2.66 -4.65
CA PRO A 725 -26.07 3.29 -3.35
C PRO A 725 -24.90 2.92 -2.44
N ILE A 726 -24.46 1.66 -2.46
CA ILE A 726 -23.45 1.19 -1.48
C ILE A 726 -22.13 1.94 -1.60
N TYR A 727 -21.55 2.31 -0.46
CA TYR A 727 -20.27 3.05 -0.42
C TYR A 727 -19.18 2.18 -1.00
N PRO A 728 -18.27 2.71 -1.84
CA PRO A 728 -17.21 1.91 -2.44
C PRO A 728 -16.48 0.99 -1.45
N ASN A 729 -16.36 1.40 -0.19
CA ASN A 729 -15.60 0.60 0.81
C ASN A 729 -16.44 -0.58 1.29
N LEU A 730 -17.75 -0.38 1.51
CA LEU A 730 -18.60 -1.45 2.09
C LEU A 730 -19.22 -2.32 1.00
N ARG A 731 -18.92 -2.06 -0.26
CA ARG A 731 -19.55 -2.81 -1.37
C ARG A 731 -19.20 -4.29 -1.26
N SER A 732 -17.94 -4.63 -1.08
CA SER A 732 -17.52 -6.06 -1.09
C SER A 732 -18.28 -6.84 -0.01
N THR A 733 -18.35 -6.30 1.21
CA THR A 733 -19.07 -6.97 2.31
C THR A 733 -20.56 -7.10 1.96
N VAL A 734 -21.19 -6.01 1.53
CA VAL A 734 -22.65 -6.03 1.24
C VAL A 734 -22.90 -7.05 0.12
N TYR A 735 -22.05 -7.06 -0.91
CA TYR A 735 -22.25 -8.00 -2.04
C TYR A 735 -22.17 -9.44 -1.53
N CYS A 736 -21.11 -9.79 -0.81
CA CYS A 736 -20.93 -11.19 -0.35
C CYS A 736 -22.11 -11.56 0.53
N ASN A 737 -22.42 -10.70 1.52
CA ASN A 737 -23.52 -11.02 2.43
C ASN A 737 -24.84 -11.16 1.68
N ALA A 738 -25.11 -10.26 0.75
CA ALA A 738 -26.37 -10.33 0.01
C ALA A 738 -26.53 -11.65 -0.72
N ILE A 739 -25.44 -12.15 -1.30
CA ILE A 739 -25.49 -13.44 -2.00
C ILE A 739 -25.72 -14.57 -1.02
N ALA A 740 -25.02 -14.55 0.12
CA ALA A 740 -25.18 -15.61 1.11
C ALA A 740 -26.57 -15.58 1.75
N GLN A 741 -27.09 -14.37 2.01
CA GLN A 741 -28.39 -14.26 2.65
C GLN A 741 -29.52 -14.58 1.68
N GLY A 742 -29.27 -14.44 0.38
CA GLY A 742 -30.33 -14.67 -0.62
C GLY A 742 -30.17 -15.96 -1.38
N GLY A 743 -30.63 -15.99 -2.64
CA GLY A 743 -30.58 -17.23 -3.43
C GLY A 743 -30.27 -16.98 -4.90
N GLU A 744 -31.03 -17.61 -5.80
CA GLU A 744 -30.75 -17.51 -7.25
C GLU A 744 -30.96 -16.10 -7.76
N GLU A 745 -32.07 -15.45 -7.38
CA GLU A 745 -32.38 -14.11 -7.92
C GLU A 745 -31.22 -13.16 -7.62
N GLU A 746 -30.75 -13.16 -6.37
CA GLU A 746 -29.61 -12.29 -5.96
C GLU A 746 -28.37 -12.67 -6.77
N TRP A 747 -28.06 -13.95 -6.87
CA TRP A 747 -26.87 -14.43 -7.60
C TRP A 747 -26.99 -14.03 -9.07
N ASN A 748 -28.16 -14.25 -9.67
CA ASN A 748 -28.34 -13.96 -11.12
C ASN A 748 -28.18 -12.45 -11.36
N PHE A 749 -28.56 -11.61 -10.38
CA PHE A 749 -28.36 -10.15 -10.53
C PHE A 749 -26.86 -9.86 -10.53
N VAL A 750 -26.18 -10.23 -9.45
CA VAL A 750 -24.73 -9.91 -9.33
C VAL A 750 -23.98 -10.48 -10.54
N TRP A 751 -24.37 -11.66 -11.02
CA TRP A 751 -23.71 -12.27 -12.20
C TRP A 751 -23.92 -11.39 -13.43
N GLU A 752 -25.15 -10.93 -13.65
CA GLU A 752 -25.44 -10.06 -14.81
C GLU A 752 -24.62 -8.78 -14.71
N GLN A 753 -24.56 -8.19 -13.51
CA GLN A 753 -23.79 -6.95 -13.31
C GLN A 753 -22.30 -7.26 -13.51
N PHE A 754 -21.82 -8.41 -13.04
CA PHE A 754 -20.41 -8.81 -13.23
C PHE A 754 -20.10 -8.92 -14.72
N ARG A 755 -21.07 -9.41 -15.50
CA ARG A 755 -20.83 -9.63 -16.96
C ARG A 755 -21.05 -8.31 -17.71
N ASN A 756 -21.44 -7.25 -17.01
CA ASN A 756 -21.70 -5.93 -17.67
C ASN A 756 -20.67 -4.90 -17.19
N THR A 757 -20.02 -5.16 -16.05
CA THR A 757 -19.08 -4.16 -15.49
C THR A 757 -17.78 -4.08 -16.29
N SER A 758 -17.24 -2.88 -16.44
CA SER A 758 -15.95 -2.70 -17.16
C SER A 758 -14.83 -2.57 -16.14
N LEU A 759 -15.10 -1.88 -15.03
CA LEU A 759 -14.09 -1.69 -13.96
C LEU A 759 -13.66 -3.02 -13.34
N VAL A 760 -12.36 -3.33 -13.40
CA VAL A 760 -11.85 -4.63 -12.86
C VAL A 760 -12.05 -4.57 -11.35
N ASN A 761 -12.04 -3.36 -10.78
CA ASN A 761 -12.23 -3.20 -9.31
C ASN A 761 -13.57 -3.85 -8.94
N GLU A 762 -14.65 -3.39 -9.58
CA GLU A 762 -16.01 -3.92 -9.26
C GLU A 762 -16.16 -5.38 -9.68
N ALA A 763 -15.66 -5.74 -10.86
CA ALA A 763 -15.79 -7.12 -11.35
C ALA A 763 -15.26 -8.09 -10.31
N ASP A 764 -14.08 -7.82 -9.76
CA ASP A 764 -13.46 -8.74 -8.77
C ASP A 764 -14.29 -8.79 -7.49
N LYS A 765 -14.84 -7.66 -7.07
CA LYS A 765 -15.72 -7.64 -5.87
C LYS A 765 -16.94 -8.52 -6.13
N LEU A 766 -17.60 -8.36 -7.28
CA LEU A 766 -18.82 -9.13 -7.61
C LEU A 766 -18.45 -10.60 -7.80
N ARG A 767 -17.33 -10.89 -8.43
CA ARG A 767 -16.92 -12.30 -8.71
C ARG A 767 -16.66 -13.01 -7.39
N SER A 768 -15.98 -12.35 -6.46
CA SER A 768 -15.66 -12.96 -5.14
C SER A 768 -16.94 -13.07 -4.31
N ALA A 769 -17.92 -12.21 -4.58
CA ALA A 769 -19.21 -12.26 -3.83
C ALA A 769 -20.02 -13.46 -4.31
N LEU A 770 -19.93 -13.78 -5.60
CA LEU A 770 -20.73 -14.90 -6.16
C LEU A 770 -20.30 -16.22 -5.52
N ALA A 771 -19.12 -16.24 -4.88
CA ALA A 771 -18.60 -17.49 -4.25
C ALA A 771 -19.14 -17.65 -2.83
N CYS A 772 -19.97 -16.71 -2.37
CA CYS A 772 -20.48 -16.74 -0.97
C CYS A 772 -21.84 -17.44 -0.90
N SER A 773 -22.31 -18.03 -2.00
CA SER A 773 -23.66 -18.63 -2.04
C SER A 773 -23.77 -19.81 -1.08
N THR A 774 -24.89 -19.91 -0.38
CA THR A 774 -25.17 -21.03 0.51
C THR A 774 -25.84 -22.19 -0.21
N GLN A 775 -26.21 -22.01 -1.47
CA GLN A 775 -26.80 -23.09 -2.26
C GLN A 775 -25.69 -23.97 -2.81
N VAL A 776 -25.82 -25.28 -2.62
CA VAL A 776 -24.82 -26.21 -3.15
C VAL A 776 -24.86 -26.22 -4.67
N TRP A 777 -26.07 -26.28 -5.24
CA TRP A 777 -26.19 -26.34 -6.69
C TRP A 777 -25.72 -25.07 -7.37
N ILE A 778 -25.88 -23.91 -6.72
CA ILE A 778 -25.37 -22.67 -7.29
C ILE A 778 -23.85 -22.67 -7.32
N LEU A 779 -23.22 -23.11 -6.22
CA LEU A 779 -21.76 -23.15 -6.15
C LEU A 779 -21.19 -24.08 -7.21
N ASN A 780 -21.79 -25.26 -7.39
CA ASN A 780 -21.30 -26.21 -8.38
C ASN A 780 -21.43 -25.66 -9.79
N ARG A 781 -22.55 -25.00 -10.09
CA ARG A 781 -22.70 -24.31 -11.36
C ARG A 781 -21.61 -23.26 -11.52
N TYR A 782 -21.40 -22.45 -10.48
CA TYR A 782 -20.33 -21.45 -10.51
C TYR A 782 -18.98 -22.09 -10.74
N LEU A 783 -18.76 -23.28 -10.18
CA LEU A 783 -17.50 -23.98 -10.39
C LEU A 783 -17.37 -24.42 -11.85
N SER A 784 -18.47 -24.76 -12.50
CA SER A 784 -18.42 -25.15 -13.92
C SER A 784 -18.22 -23.93 -14.81
N TYR A 785 -18.65 -22.75 -14.35
CA TYR A 785 -18.37 -21.52 -15.08
C TYR A 785 -16.87 -21.28 -15.20
N THR A 786 -16.10 -21.75 -14.21
CA THR A 786 -14.65 -21.57 -14.22
C THR A 786 -14.01 -22.25 -15.42
N LEU A 787 -14.47 -23.45 -15.75
CA LEU A 787 -13.85 -24.22 -16.84
C LEU A 787 -13.95 -23.52 -18.19
N ASN A 788 -14.89 -22.60 -18.36
CA ASN A 788 -15.06 -21.91 -19.63
C ASN A 788 -14.51 -20.49 -19.52
N PRO A 789 -13.55 -20.07 -20.38
CA PRO A 789 -12.94 -18.75 -20.22
C PRO A 789 -13.79 -17.59 -20.76
N GLU A 790 -14.98 -17.88 -21.28
CA GLU A 790 -15.88 -16.80 -21.76
C GLU A 790 -16.66 -16.26 -20.57
N PHE A 791 -16.82 -17.07 -19.53
CA PHE A 791 -17.53 -16.62 -18.29
C PHE A 791 -16.54 -15.99 -17.32
N ILE A 792 -15.42 -16.68 -17.06
CA ILE A 792 -14.40 -16.18 -16.10
C ILE A 792 -13.03 -16.16 -16.79
N ARG A 793 -12.35 -15.01 -16.76
CA ARG A 793 -11.04 -14.88 -17.39
C ARG A 793 -10.07 -15.92 -16.84
N LYS A 794 -9.05 -16.23 -17.65
CA LYS A 794 -8.05 -17.20 -17.23
C LYS A 794 -7.37 -16.78 -15.93
N GLN A 795 -6.93 -15.52 -15.86
CA GLN A 795 -6.25 -15.06 -14.65
C GLN A 795 -7.19 -14.97 -13.45
N ASP A 796 -8.49 -14.85 -13.67
CA ASP A 796 -9.45 -14.82 -12.57
C ASP A 796 -9.84 -16.20 -12.07
N VAL A 797 -9.40 -17.26 -12.74
CA VAL A 797 -9.82 -18.62 -12.37
C VAL A 797 -9.27 -19.00 -11.00
N ILE A 798 -7.98 -18.77 -10.77
CA ILE A 798 -7.39 -19.21 -9.47
C ILE A 798 -8.03 -18.43 -8.31
N SER A 799 -8.25 -17.12 -8.48
CA SER A 799 -8.90 -16.37 -7.40
C SER A 799 -10.41 -16.68 -7.23
N THR A 800 -11.01 -17.25 -8.27
CA THR A 800 -12.42 -17.62 -8.19
C THR A 800 -12.47 -18.93 -7.43
N LEU A 801 -11.63 -19.89 -7.80
CA LEU A 801 -11.64 -21.18 -7.12
C LEU A 801 -11.30 -21.07 -5.64
N SER A 802 -10.29 -20.27 -5.32
CA SER A 802 -9.87 -20.11 -3.90
C SER A 802 -10.93 -19.33 -3.11
N SER A 803 -11.79 -18.57 -3.79
CA SER A 803 -12.89 -17.85 -3.07
C SER A 803 -14.01 -18.83 -2.74
N ILE A 804 -14.37 -19.71 -3.68
CA ILE A 804 -15.41 -20.74 -3.44
C ILE A 804 -14.92 -21.64 -2.30
N ALA A 805 -13.62 -21.97 -2.30
CA ALA A 805 -13.05 -22.86 -1.26
C ALA A 805 -13.18 -22.23 0.12
N SER A 806 -13.19 -20.90 0.20
CA SER A 806 -13.33 -20.20 1.50
C SER A 806 -14.72 -20.44 2.09
N ASN A 807 -15.77 -20.54 1.25
CA ASN A 807 -17.11 -20.86 1.78
C ASN A 807 -17.06 -22.23 2.45
N VAL A 808 -17.63 -22.36 3.65
CA VAL A 808 -17.58 -23.65 4.39
C VAL A 808 -18.26 -24.72 3.54
N ILE A 809 -19.33 -24.34 2.82
CA ILE A 809 -20.06 -25.29 1.95
C ILE A 809 -19.23 -25.57 0.69
N GLY A 810 -18.41 -24.61 0.27
CA GLY A 810 -17.65 -24.76 -0.98
C GLY A 810 -16.33 -25.49 -0.82
N GLN A 811 -15.83 -25.62 0.40
CA GLN A 811 -14.53 -26.28 0.65
C GLN A 811 -14.57 -27.67 0.03
N SER A 812 -15.57 -28.47 0.38
CA SER A 812 -15.69 -29.84 -0.17
C SER A 812 -15.92 -29.77 -1.67
N LEU A 813 -16.86 -28.91 -2.10
CA LEU A 813 -17.21 -28.82 -3.53
C LEU A 813 -15.98 -28.45 -4.35
N ALA A 814 -15.16 -27.52 -3.86
CA ALA A 814 -13.98 -27.05 -4.62
C ALA A 814 -12.86 -28.09 -4.61
N TRP A 815 -12.53 -28.64 -3.44
CA TRP A 815 -11.50 -29.70 -3.38
C TRP A 815 -11.85 -30.80 -4.38
N ASP A 816 -13.12 -31.22 -4.40
CA ASP A 816 -13.55 -32.23 -5.38
C ASP A 816 -13.32 -31.67 -6.78
N PHE A 817 -13.71 -30.42 -7.04
CA PHE A 817 -13.57 -29.87 -8.38
C PHE A 817 -12.11 -29.80 -8.81
N ILE A 818 -11.20 -29.52 -7.87
CA ILE A 818 -9.79 -29.37 -8.23
C ILE A 818 -9.15 -30.73 -8.49
N GLN A 819 -9.51 -31.73 -7.70
CA GLN A 819 -9.03 -33.08 -7.95
C GLN A 819 -9.48 -33.59 -9.31
N SER A 820 -10.76 -33.38 -9.65
CA SER A 820 -11.30 -33.93 -10.88
C SER A 820 -10.83 -33.16 -12.12
N ASN A 821 -10.44 -31.90 -11.94
CA ASN A 821 -9.99 -31.08 -13.10
C ASN A 821 -8.53 -30.69 -12.92
N TRP A 822 -7.74 -31.50 -12.21
CA TRP A 822 -6.33 -31.16 -11.90
C TRP A 822 -5.52 -31.01 -13.17
N LYS A 823 -5.66 -31.95 -14.10
CA LYS A 823 -4.80 -31.93 -15.30
C LYS A 823 -4.98 -30.58 -15.98
N LYS A 824 -6.22 -30.22 -16.27
CA LYS A 824 -6.48 -28.96 -16.97
C LYS A 824 -5.92 -27.78 -16.21
N LEU A 825 -6.05 -27.77 -14.89
CA LEU A 825 -5.58 -26.58 -14.11
C LEU A 825 -4.06 -26.54 -14.13
N PHE A 826 -3.41 -27.67 -13.96
CA PHE A 826 -1.91 -27.74 -13.97
C PHE A 826 -1.37 -27.34 -15.35
N GLU A 827 -2.00 -27.78 -16.43
CA GLU A 827 -1.49 -27.49 -17.79
C GLU A 827 -1.57 -26.00 -18.09
N ASP A 828 -2.29 -25.23 -17.28
CA ASP A 828 -2.48 -23.79 -17.57
C ASP A 828 -1.79 -22.93 -16.51
N TYR A 829 -1.86 -23.30 -15.23
CA TYR A 829 -1.32 -22.38 -14.19
C TYR A 829 -0.05 -22.94 -13.55
N GLY A 830 0.29 -24.20 -13.80
CA GLY A 830 1.56 -24.76 -13.31
C GLY A 830 2.74 -24.02 -13.93
N THR A 831 2.64 -23.70 -15.23
CA THR A 831 3.70 -22.93 -15.92
C THR A 831 3.80 -21.53 -15.30
N SER A 835 1.43 -19.68 -9.79
CA SER A 835 0.05 -19.21 -9.51
C SER A 835 -0.65 -20.43 -8.88
N PHE A 836 -0.57 -21.57 -9.54
CA PHE A 836 -1.24 -22.78 -9.03
C PHE A 836 -0.87 -23.13 -7.59
N SER A 837 0.39 -23.02 -7.19
CA SER A 837 0.78 -23.24 -5.77
C SER A 837 -0.22 -22.58 -4.82
N ASN A 838 -0.61 -21.33 -5.08
CA ASN A 838 -1.51 -20.57 -4.18
C ASN A 838 -2.89 -21.23 -4.10
N LEU A 839 -3.37 -21.84 -5.19
CA LEU A 839 -4.66 -22.57 -5.18
C LEU A 839 -4.57 -23.71 -4.17
N ILE A 840 -3.50 -24.50 -4.24
CA ILE A 840 -3.36 -25.68 -3.34
C ILE A 840 -3.04 -25.18 -1.93
N GLN A 841 -2.96 -23.86 -1.74
CA GLN A 841 -2.72 -23.33 -0.38
C GLN A 841 -4.06 -22.77 0.13
N ALA A 842 -4.82 -22.11 -0.74
CA ALA A 842 -6.17 -21.62 -0.35
C ALA A 842 -7.02 -22.82 -0.01
N VAL A 843 -7.12 -23.79 -0.92
CA VAL A 843 -7.78 -25.07 -0.56
C VAL A 843 -6.72 -25.79 0.27
N THR A 844 -7.10 -26.74 1.13
CA THR A 844 -6.13 -27.42 2.04
C THR A 844 -5.63 -26.45 3.11
N ARG A 845 -6.32 -25.32 3.29
CA ARG A 845 -5.93 -24.37 4.37
C ARG A 845 -6.69 -24.76 5.64
N ARG A 846 -7.87 -25.36 5.48
CA ARG A 846 -8.70 -25.77 6.65
C ARG A 846 -8.34 -27.19 7.06
N PHE A 847 -7.62 -27.93 6.21
CA PHE A 847 -7.31 -29.36 6.50
C PHE A 847 -6.78 -29.47 7.93
N SER A 848 -7.43 -30.28 8.77
CA SER A 848 -7.06 -30.35 10.20
C SER A 848 -7.32 -31.73 10.81
N THR A 849 -7.66 -32.73 9.99
CA THR A 849 -8.00 -34.04 10.52
C THR A 849 -7.12 -35.11 9.86
N GLU A 850 -7.00 -36.25 10.54
CA GLU A 850 -6.25 -37.36 9.97
C GLU A 850 -6.91 -37.90 8.72
N PHE A 851 -8.24 -37.77 8.62
CA PHE A 851 -8.95 -38.26 7.44
C PHE A 851 -8.70 -37.37 6.23
N GLU A 852 -8.58 -36.06 6.45
CA GLU A 852 -8.25 -35.15 5.36
C GLU A 852 -6.81 -35.34 4.89
N LEU A 853 -5.90 -35.59 5.83
CA LEU A 853 -4.52 -35.88 5.46
C LEU A 853 -4.43 -37.13 4.58
N GLN A 854 -5.18 -38.17 4.94
CA GLN A 854 -5.19 -39.39 4.12
C GLN A 854 -5.67 -39.10 2.71
N GLN A 855 -6.74 -38.33 2.59
CA GLN A 855 -7.26 -37.95 1.25
C GLN A 855 -6.15 -37.27 0.46
N LEU A 856 -5.47 -36.30 1.07
CA LEU A 856 -4.39 -35.54 0.37
C LEU A 856 -3.31 -36.52 -0.06
N GLU A 857 -2.95 -37.45 0.81
CA GLU A 857 -1.89 -38.45 0.51
C GLU A 857 -2.34 -39.33 -0.65
N GLN A 858 -3.58 -39.82 -0.62
CA GLN A 858 -4.08 -40.71 -1.69
C GLN A 858 -4.06 -39.94 -3.01
N PHE A 859 -4.44 -38.67 -2.99
CA PHE A 859 -4.50 -37.87 -4.24
C PHE A 859 -3.10 -37.72 -4.82
N LYS A 860 -2.11 -37.43 -3.97
CA LYS A 860 -0.72 -37.31 -4.45
C LYS A 860 -0.40 -38.56 -5.27
N ALA A 861 -0.61 -39.74 -4.68
CA ALA A 861 -0.24 -41.00 -5.36
C ALA A 861 -1.01 -41.09 -6.69
N ASN A 862 -2.30 -40.81 -6.66
CA ASN A 862 -3.13 -40.93 -7.90
C ASN A 862 -2.59 -39.99 -8.98
N ASN A 863 -2.35 -38.73 -8.63
CA ASN A 863 -1.92 -37.75 -9.67
C ASN A 863 -0.41 -37.55 -9.60
N MET A 864 0.36 -38.64 -9.62
CA MET A 864 1.84 -38.52 -9.65
C MET A 864 2.26 -38.44 -11.12
N ASP A 865 1.59 -39.18 -12.01
CA ASP A 865 1.93 -39.19 -13.45
C ASP A 865 1.68 -37.80 -14.04
N THR A 866 0.54 -37.16 -13.71
CA THR A 866 0.30 -35.77 -14.18
C THR A 866 1.38 -34.87 -13.57
N GLY A 867 1.52 -34.93 -12.25
CA GLY A 867 2.53 -34.10 -11.54
C GLY A 867 1.91 -32.80 -11.05
N PHE A 868 2.52 -32.20 -10.03
CA PHE A 868 1.91 -30.99 -9.43
C PHE A 868 2.55 -29.70 -9.99
N GLY A 869 3.52 -29.82 -10.91
CA GLY A 869 4.07 -28.61 -11.56
C GLY A 869 4.66 -27.62 -10.57
N SER A 870 4.24 -26.35 -10.64
CA SER A 870 4.76 -25.30 -9.73
C SER A 870 4.43 -25.65 -8.28
N GLY A 871 3.24 -26.19 -8.04
CA GLY A 871 2.84 -26.49 -6.66
C GLY A 871 3.26 -27.87 -6.22
N THR A 872 4.31 -28.45 -6.82
CA THR A 872 4.79 -29.76 -6.30
C THR A 872 5.29 -29.56 -4.87
N ARG A 873 6.01 -28.46 -4.62
CA ARG A 873 6.45 -28.13 -3.25
C ARG A 873 5.21 -27.88 -2.40
N ALA A 874 4.21 -27.19 -2.96
CA ALA A 874 2.97 -26.88 -2.23
C ALA A 874 2.21 -28.15 -1.85
N LEU A 875 2.11 -29.16 -2.72
CA LEU A 875 1.34 -30.36 -2.27
C LEU A 875 2.07 -30.98 -1.07
N GLU A 876 3.40 -31.04 -1.12
CA GLU A 876 4.17 -31.53 0.04
C GLU A 876 3.96 -30.58 1.22
N GLN A 877 3.96 -29.28 0.96
CA GLN A 877 3.81 -28.26 2.03
C GLN A 877 2.44 -28.43 2.68
N ALA A 878 1.42 -28.70 1.88
CA ALA A 878 0.05 -28.89 2.41
C ALA A 878 0.03 -30.09 3.33
N LEU A 879 0.71 -31.17 2.96
CA LEU A 879 0.79 -32.34 3.87
C LEU A 879 1.40 -31.88 5.18
N GLU A 880 2.52 -31.15 5.13
CA GLU A 880 3.22 -30.75 6.38
C GLU A 880 2.35 -29.78 7.18
N LYS A 881 1.61 -28.90 6.50
CA LYS A 881 0.70 -27.97 7.20
C LYS A 881 -0.43 -28.77 7.84
N THR A 882 -1.06 -29.67 7.08
CA THR A 882 -2.17 -30.49 7.61
C THR A 882 -1.69 -31.23 8.86
N LYS A 883 -0.51 -31.83 8.81
CA LYS A 883 0.05 -32.56 9.98
C LYS A 883 0.24 -31.58 11.12
N ALA A 884 0.79 -30.39 10.83
CA ALA A 884 0.91 -29.38 11.88
C ALA A 884 -0.46 -28.89 12.34
N ASN A 885 -1.44 -28.89 11.45
CA ASN A 885 -2.81 -28.47 11.84
C ASN A 885 -3.42 -29.53 12.75
N ILE A 886 -3.29 -30.81 12.39
CA ILE A 886 -3.83 -31.88 13.22
C ILE A 886 -3.29 -31.80 14.64
N LYS A 887 -2.00 -31.47 14.77
CA LYS A 887 -1.39 -31.36 16.13
C LYS A 887 -2.07 -30.22 16.89
N TRP A 888 -2.16 -29.04 16.29
CA TRP A 888 -2.72 -27.86 17.01
C TRP A 888 -4.12 -28.18 17.52
N VAL A 889 -5.00 -28.58 16.61
CA VAL A 889 -6.41 -28.90 16.99
C VAL A 889 -6.39 -29.88 18.17
N LYS A 890 -5.60 -30.95 18.09
CA LYS A 890 -5.65 -31.93 19.17
C LYS A 890 -5.27 -31.32 20.51
N GLU A 891 -4.29 -30.42 20.51
CA GLU A 891 -3.79 -29.89 21.80
C GLU A 891 -4.52 -28.63 22.26
N ASN A 892 -5.35 -28.04 21.40
CA ASN A 892 -5.96 -26.74 21.77
C ASN A 892 -7.49 -26.74 21.62
N LYS A 893 -8.09 -27.80 21.09
CA LYS A 893 -9.55 -27.79 20.85
C LYS A 893 -10.30 -27.65 22.17
N GLU A 894 -9.95 -28.48 23.16
CA GLU A 894 -10.67 -28.48 24.45
C GLU A 894 -10.50 -27.11 25.14
N ALA A 895 -9.27 -26.63 25.21
CA ALA A 895 -9.00 -25.36 25.92
C ALA A 895 -9.75 -24.21 25.25
N VAL A 896 -9.72 -24.17 23.92
CA VAL A 896 -10.40 -23.09 23.16
C VAL A 896 -11.91 -23.20 23.42
N LEU A 897 -12.50 -24.39 23.31
CA LEU A 897 -13.95 -24.57 23.56
C LEU A 897 -14.28 -24.06 24.95
N GLN A 898 -13.60 -24.56 25.97
CA GLN A 898 -13.93 -24.17 27.36
C GLN A 898 -13.83 -22.65 27.48
N TRP A 899 -12.74 -22.05 26.99
CA TRP A 899 -12.56 -20.59 27.15
C TRP A 899 -13.73 -19.87 26.50
N PHE A 900 -14.03 -20.22 25.24
CA PHE A 900 -15.10 -19.51 24.51
C PHE A 900 -16.42 -19.67 25.27
N ARG A 901 -16.72 -20.88 25.72
CA ARG A 901 -17.98 -21.14 26.47
C ARG A 901 -18.01 -20.28 27.73
N GLU A 902 -16.91 -20.24 28.48
CA GLU A 902 -16.86 -19.48 29.75
C GLU A 902 -17.03 -17.98 29.48
N ASN A 903 -16.34 -17.46 28.46
CA ASN A 903 -16.37 -15.99 28.19
C ASN A 903 -17.39 -15.69 27.09
N SER A 904 -18.43 -16.51 26.97
CA SER A 904 -19.46 -16.31 25.92
C SER A 904 -20.17 -14.97 26.10
N GLN A 905 -20.30 -14.49 27.33
CA GLN A 905 -21.05 -13.24 27.58
C GLN A 905 -20.23 -12.02 27.17
N GLY A 906 -19.08 -12.22 26.50
CA GLY A 906 -18.23 -11.06 26.19
C GLY A 906 -17.29 -10.73 27.33
N GLY A 907 -16.85 -9.47 27.42
CA GLY A 907 -15.99 -9.04 28.52
C GLY A 907 -16.67 -8.00 29.39
N SER A 908 -16.14 -7.75 30.58
CA SER A 908 -16.80 -6.79 31.51
C SER A 908 -16.41 -5.35 31.14
N THR B 1 -35.10 53.23 -3.52
CA THR B 1 -34.75 53.03 -2.10
C THR B 1 -35.60 53.95 -1.21
N SER B 2 -36.79 53.50 -0.82
CA SER B 2 -37.64 54.30 0.10
C SER B 2 -37.90 53.51 1.38
N PHE B 3 -37.70 54.13 2.54
CA PHE B 3 -38.00 53.44 3.82
C PHE B 3 -39.47 53.06 3.80
N PHE B 4 -40.32 53.96 3.31
CA PHE B 4 -41.77 53.64 3.40
C PHE B 4 -42.16 52.77 2.21
N ALA B 5 -41.91 51.47 2.32
CA ALA B 5 -42.23 50.52 1.21
C ALA B 5 -42.38 49.11 1.77
N HIS B 6 -42.80 48.16 0.93
CA HIS B 6 -42.90 46.75 1.37
C HIS B 6 -41.75 45.96 0.74
N THR B 7 -40.87 45.39 1.58
CA THR B 7 -39.77 44.56 1.03
C THR B 7 -40.11 43.11 1.36
N THR B 8 -40.14 42.25 0.34
CA THR B 8 -40.44 40.82 0.55
C THR B 8 -39.10 40.07 0.57
N VAL B 9 -38.78 39.41 1.68
CA VAL B 9 -37.50 38.68 1.81
C VAL B 9 -37.80 37.21 1.55
N ASN B 10 -37.28 36.66 0.45
CA ASN B 10 -37.59 35.26 0.07
C ASN B 10 -36.43 34.36 0.53
N ILE B 11 -36.63 33.61 1.60
CA ILE B 11 -35.60 32.73 2.15
C ILE B 11 -35.63 31.41 1.38
N THR B 12 -34.85 31.32 0.31
CA THR B 12 -34.79 30.09 -0.47
C THR B 12 -33.89 29.09 0.24
N ILE B 13 -34.52 28.04 0.77
CA ILE B 13 -33.76 27.02 1.56
C ILE B 13 -33.69 25.73 0.73
N ASP B 14 -32.67 25.62 -0.12
CA ASP B 14 -32.46 24.35 -0.86
C ASP B 14 -32.19 23.27 0.18
N LEU B 15 -32.86 22.12 0.09
CA LEU B 15 -32.75 21.07 1.13
C LEU B 15 -32.08 19.84 0.56
N GLY B 16 -31.08 19.31 1.26
CA GLY B 16 -30.39 18.09 0.81
C GLY B 16 -30.79 16.90 1.65
N MET B 17 -31.31 15.86 1.00
CA MET B 17 -31.79 14.66 1.73
C MET B 17 -31.04 13.43 1.23
N LYS B 18 -30.54 12.62 2.16
CA LYS B 18 -29.80 11.39 1.79
C LYS B 18 -30.51 10.17 2.37
N ARG B 19 -30.56 9.07 1.63
CA ARG B 19 -31.26 7.85 2.11
C ARG B 19 -30.33 7.11 3.05
N SER B 20 -30.86 6.64 4.18
CA SER B 20 -30.03 5.96 5.18
C SER B 20 -29.73 4.52 4.78
N GLY B 21 -28.91 3.85 5.57
CA GLY B 21 -28.57 2.44 5.32
C GLY B 21 -29.73 1.53 5.64
N TYR B 22 -30.64 2.00 6.49
CA TYR B 22 -31.87 1.23 6.81
C TYR B 22 -33.04 1.87 6.09
N GLY B 23 -32.80 2.67 5.06
CA GLY B 23 -33.90 3.27 4.27
C GLY B 23 -34.49 4.52 4.90
N GLN B 24 -34.10 4.87 6.13
CA GLN B 24 -34.67 6.02 6.87
C GLN B 24 -34.33 7.34 6.16
N PRO B 25 -35.09 8.45 6.32
CA PRO B 25 -34.72 9.72 5.73
C PRO B 25 -33.69 10.43 6.63
N ILE B 26 -32.56 10.80 6.04
CA ILE B 26 -31.48 11.50 6.80
C ILE B 26 -31.26 12.86 6.14
N ALA B 27 -31.22 13.93 6.93
CA ALA B 27 -31.12 15.30 6.38
C ALA B 27 -29.67 15.79 6.41
N SER B 28 -29.12 16.07 5.24
CA SER B 28 -27.69 16.47 5.16
C SER B 28 -27.48 17.91 5.62
N PRO B 29 -26.36 18.22 6.30
CA PRO B 29 -26.01 19.59 6.71
C PRO B 29 -25.66 20.42 5.47
N LEU B 30 -25.48 19.77 4.32
CA LEU B 30 -25.00 20.47 3.10
C LEU B 30 -26.14 21.22 2.43
N SER B 31 -27.33 21.20 3.01
CA SER B 31 -28.48 21.98 2.46
C SER B 31 -28.19 23.46 2.61
N ASN B 32 -28.58 24.28 1.62
CA ASN B 32 -28.14 25.71 1.60
C ASN B 32 -29.25 26.74 1.73
N ILE B 33 -29.05 27.76 2.58
CA ILE B 33 -30.01 28.88 2.71
C ILE B 33 -29.53 30.04 1.81
N THR B 34 -30.37 30.53 0.90
CA THR B 34 -30.05 31.64 -0.03
C THR B 34 -30.90 32.86 0.35
N LEU B 35 -30.32 33.79 1.14
CA LEU B 35 -31.04 35.03 1.52
C LEU B 35 -31.02 36.00 0.32
N PRO B 36 -32.03 36.88 0.16
CA PRO B 36 -32.02 37.85 -0.94
C PRO B 36 -30.71 38.64 -0.98
N MET B 37 -30.28 39.06 -2.17
CA MET B 37 -28.95 39.72 -2.27
C MET B 37 -29.06 41.18 -1.81
N GLN B 38 -28.12 41.63 -0.97
CA GLN B 38 -28.08 43.05 -0.55
C GLN B 38 -26.62 43.48 -0.41
N ASP B 39 -26.28 44.69 -0.84
CA ASP B 39 -24.89 45.19 -0.78
C ASP B 39 -23.98 44.19 -1.48
N ASN B 40 -24.45 43.60 -2.60
CA ASN B 40 -23.66 42.59 -3.35
C ASN B 40 -23.24 41.48 -2.40
N ASN B 41 -24.14 41.06 -1.49
CA ASN B 41 -23.80 40.01 -0.50
C ASN B 41 -25.05 39.16 -0.20
N THR B 42 -24.95 37.85 -0.36
CA THR B 42 -26.09 36.93 -0.09
C THR B 42 -25.99 36.45 1.37
N ASP B 43 -24.83 36.65 2.00
CA ASP B 43 -24.62 36.16 3.39
C ASP B 43 -25.56 36.85 4.37
N VAL B 44 -25.81 38.16 4.20
CA VAL B 44 -26.65 38.90 5.19
C VAL B 44 -27.64 39.81 4.46
N TYR B 45 -28.88 39.88 4.96
CA TYR B 45 -29.89 40.81 4.38
C TYR B 45 -30.52 41.61 5.52
N CYS B 46 -30.33 42.94 5.51
CA CYS B 46 -30.90 43.80 6.57
C CYS B 46 -32.14 44.52 6.03
N ILE B 47 -33.23 44.53 6.79
CA ILE B 47 -34.49 45.15 6.26
C ILE B 47 -34.36 46.67 6.34
N ARG B 48 -34.61 47.35 5.23
CA ARG B 48 -34.48 48.82 5.14
C ARG B 48 -35.84 49.37 4.72
N SER B 49 -36.91 48.95 5.39
CA SER B 49 -38.28 49.39 5.02
C SER B 49 -39.18 49.35 6.26
N ASN B 50 -40.24 50.17 6.28
CA ASN B 50 -41.19 50.18 7.42
C ASN B 50 -41.94 48.86 7.43
N GLN B 51 -42.20 48.26 6.26
CA GLN B 51 -43.01 47.03 6.19
C GLN B 51 -42.19 45.92 5.54
N PHE B 52 -42.14 44.75 6.17
CA PHE B 52 -41.37 43.60 5.60
C PHE B 52 -42.23 42.34 5.61
N SER B 53 -41.78 41.33 4.86
CA SER B 53 -42.50 40.04 4.84
C SER B 53 -41.44 38.96 4.60
N ILE B 54 -41.36 37.97 5.48
CA ILE B 54 -40.33 36.92 5.32
C ILE B 54 -41.05 35.70 4.81
N TYR B 55 -40.59 35.15 3.68
CA TYR B 55 -41.27 34.00 3.06
C TYR B 55 -40.22 32.92 2.81
N VAL B 56 -40.63 31.65 2.87
CA VAL B 56 -39.67 30.56 2.72
C VAL B 56 -39.99 29.79 1.45
N HIS B 57 -38.98 29.66 0.59
CA HIS B 57 -39.05 28.80 -0.59
C HIS B 57 -38.21 27.56 -0.31
N SER B 58 -38.82 26.36 -0.40
CA SER B 58 -38.11 25.10 -0.07
C SER B 58 -38.01 24.15 -1.26
N THR B 59 -36.80 23.67 -1.59
CA THR B 59 -36.61 22.68 -2.68
C THR B 59 -35.91 21.44 -2.12
N CYS B 60 -36.43 20.23 -2.41
CA CYS B 60 -35.83 18.98 -1.89
C CYS B 60 -34.96 18.33 -2.98
N LYS B 61 -33.74 17.91 -2.63
CA LYS B 61 -32.87 17.18 -3.58
C LYS B 61 -32.26 15.94 -2.91
N SER B 62 -31.78 14.99 -3.70
CA SER B 62 -31.26 13.69 -3.15
C SER B 62 -29.83 13.34 -3.63
N SER B 63 -28.99 12.74 -2.79
CA SER B 63 -27.56 12.60 -3.18
C SER B 63 -26.93 11.22 -3.37
N LEU B 64 -27.27 10.21 -2.56
CA LEU B 64 -26.54 8.90 -2.56
C LEU B 64 -25.26 9.08 -1.73
N TRP B 65 -24.30 8.18 -1.82
CA TRP B 65 -23.08 8.22 -0.97
C TRP B 65 -22.25 9.44 -1.38
N ASP B 66 -22.31 9.86 -2.65
CA ASP B 66 -21.42 10.89 -3.21
C ASP B 66 -21.54 12.22 -2.47
N ASN B 67 -22.73 12.62 -2.03
CA ASN B 67 -22.98 13.97 -1.42
C ASN B 67 -23.17 14.97 -2.57
N VAL B 68 -23.36 14.45 -3.79
CA VAL B 68 -23.70 15.35 -4.92
C VAL B 68 -25.20 15.20 -5.09
N PHE B 69 -25.94 16.29 -4.98
CA PHE B 69 -27.42 16.22 -5.01
C PHE B 69 -27.87 16.28 -6.47
N ASN B 70 -27.79 15.15 -7.17
CA ASN B 70 -28.09 15.11 -8.63
C ASN B 70 -29.56 14.79 -8.94
N GLN B 71 -30.38 14.46 -7.95
CA GLN B 71 -31.76 14.04 -8.33
C GLN B 71 -32.79 14.60 -7.35
N ASP B 72 -34.07 14.40 -7.66
CA ASP B 72 -35.16 14.90 -6.78
C ASP B 72 -35.52 13.84 -5.73
N CYS B 73 -36.02 14.32 -4.60
CA CYS B 73 -36.37 13.40 -3.49
C CYS B 73 -37.56 12.55 -3.90
N THR B 74 -37.52 11.27 -3.52
CA THR B 74 -38.65 10.36 -3.82
C THR B 74 -39.01 9.61 -2.55
N ASP B 75 -40.29 9.26 -2.38
CA ASP B 75 -40.68 8.41 -1.22
C ASP B 75 -40.33 9.05 0.11
N VAL B 76 -39.62 8.32 0.98
CA VAL B 76 -39.29 8.77 2.37
C VAL B 76 -38.46 10.04 2.33
N LEU B 77 -37.56 10.17 1.37
CA LEU B 77 -36.61 11.30 1.35
C LEU B 77 -37.35 12.64 1.24
N GLU B 78 -38.45 12.73 0.51
CA GLU B 78 -39.06 14.07 0.27
C GLU B 78 -39.43 14.77 1.58
N ALA B 79 -39.13 16.07 1.65
CA ALA B 79 -39.38 16.87 2.88
C ALA B 79 -39.50 18.36 2.52
N THR B 80 -39.91 19.19 3.49
CA THR B 80 -40.12 20.63 3.24
C THR B 80 -39.49 21.38 4.40
N ALA B 81 -38.79 22.48 4.11
CA ALA B 81 -38.08 23.24 5.16
C ALA B 81 -39.07 23.77 6.20
N VAL B 82 -38.68 23.69 7.47
CA VAL B 82 -39.51 24.26 8.57
C VAL B 82 -38.56 25.02 9.49
N ILE B 83 -38.65 26.35 9.51
CA ILE B 83 -37.71 27.16 10.34
C ILE B 83 -38.22 27.13 11.78
N LYS B 84 -37.60 26.31 12.62
CA LYS B 84 -38.02 26.19 14.04
C LYS B 84 -37.61 27.45 14.80
N THR B 85 -38.32 27.77 15.88
CA THR B 85 -38.03 29.00 16.67
C THR B 85 -36.57 29.00 17.11
N GLY B 86 -36.09 27.88 17.65
CA GLY B 86 -34.70 27.79 18.10
C GLY B 86 -34.41 28.59 19.36
N THR B 87 -33.36 29.40 19.35
CA THR B 87 -32.96 30.17 20.55
C THR B 87 -33.67 31.53 20.65
N CYS B 88 -34.71 31.74 19.82
CA CYS B 88 -35.31 33.07 19.80
C CYS B 88 -36.61 33.22 20.58
N PRO B 89 -36.85 34.40 21.18
CA PRO B 89 -38.12 34.63 21.88
C PRO B 89 -39.31 34.77 20.94
N PHE B 90 -39.03 34.91 19.65
CA PHE B 90 -40.09 35.07 18.62
C PHE B 90 -40.01 33.92 17.62
N SER B 91 -41.17 33.45 17.15
CA SER B 91 -41.20 32.39 16.12
C SER B 91 -41.07 33.03 14.73
N PHE B 92 -40.74 32.24 13.71
CA PHE B 92 -40.67 32.77 12.33
C PHE B 92 -42.07 33.28 11.96
N ASP B 93 -43.11 32.69 12.55
CA ASP B 93 -44.50 33.10 12.26
C ASP B 93 -44.79 34.45 12.94
N LYS B 94 -44.31 34.64 14.17
CA LYS B 94 -44.55 35.90 14.93
C LYS B 94 -44.02 37.11 14.15
N LEU B 95 -42.88 36.95 13.47
CA LEU B 95 -42.27 38.06 12.71
C LEU B 95 -43.26 38.55 11.65
N ASN B 96 -43.85 37.63 10.89
CA ASN B 96 -44.78 38.01 9.81
C ASN B 96 -46.08 38.40 10.50
N ASN B 97 -46.18 38.17 11.82
CA ASN B 97 -47.37 38.67 12.57
C ASN B 97 -47.12 40.12 12.99
N HIS B 98 -47.90 40.63 13.94
CA HIS B 98 -47.74 42.05 14.33
C HIS B 98 -46.54 42.11 15.27
N LEU B 99 -45.34 42.29 14.71
CA LEU B 99 -44.12 42.40 15.55
C LEU B 99 -43.31 43.60 15.08
N THR B 100 -42.82 44.43 16.03
CA THR B 100 -42.09 45.65 15.65
C THR B 100 -40.63 45.55 16.10
N PHE B 101 -39.70 45.99 15.25
CA PHE B 101 -38.26 45.93 15.59
C PHE B 101 -37.54 47.10 14.91
N ASN B 102 -36.64 47.77 15.65
CA ASN B 102 -35.84 48.88 15.06
C ASN B 102 -34.98 48.34 13.90
N LYS B 103 -34.30 47.22 14.12
CA LYS B 103 -33.41 46.66 13.06
C LYS B 103 -33.59 45.14 13.02
N PHE B 104 -33.61 44.56 11.81
CA PHE B 104 -33.75 43.09 11.68
C PHE B 104 -32.87 42.63 10.52
N CYS B 105 -31.85 41.82 10.82
CA CYS B 105 -30.92 41.32 9.78
C CYS B 105 -30.78 39.81 9.93
N LEU B 106 -31.00 39.06 8.85
CA LEU B 106 -30.80 37.59 8.89
C LEU B 106 -29.44 37.30 8.26
N SER B 107 -28.56 36.60 8.99
CA SER B 107 -27.20 36.32 8.50
C SER B 107 -26.89 34.82 8.62
N LEU B 108 -26.11 34.28 7.69
CA LEU B 108 -25.72 32.85 7.75
C LEU B 108 -24.50 32.70 8.65
N SER B 109 -23.87 33.82 9.03
CA SER B 109 -22.64 33.78 9.87
C SER B 109 -22.98 34.09 11.33
N PRO B 110 -22.39 33.39 12.33
CA PRO B 110 -22.75 33.60 13.73
C PRO B 110 -22.14 34.89 14.31
N VAL B 111 -21.45 35.67 13.47
CA VAL B 111 -20.78 36.91 13.94
C VAL B 111 -21.86 37.95 14.26
N GLY B 112 -21.94 38.38 15.53
CA GLY B 112 -22.90 39.42 15.93
C GLY B 112 -24.29 38.86 16.11
N ALA B 113 -24.43 37.54 16.04
CA ALA B 113 -25.77 36.91 16.12
C ALA B 113 -26.35 37.11 17.52
N ASN B 114 -27.40 37.94 17.63
CA ASN B 114 -28.07 38.07 18.95
C ASN B 114 -28.89 36.81 19.17
N CYS B 115 -29.24 36.11 18.09
CA CYS B 115 -30.09 34.94 18.21
C CYS B 115 -29.88 34.05 16.99
N LYS B 116 -30.41 32.81 17.07
CA LYS B 116 -30.24 31.85 15.95
C LYS B 116 -31.49 31.01 15.76
N PHE B 117 -32.05 31.00 14.54
CA PHE B 117 -33.20 30.12 14.23
C PHE B 117 -32.63 28.80 13.70
N ASP B 118 -33.35 27.69 13.94
CA ASP B 118 -32.87 26.36 13.49
C ASP B 118 -33.68 25.93 12.27
N VAL B 119 -33.04 25.86 11.10
CA VAL B 119 -33.74 25.42 9.85
C VAL B 119 -33.75 23.89 9.84
N ALA B 120 -34.91 23.29 9.60
CA ALA B 120 -35.03 21.81 9.68
C ALA B 120 -35.72 21.26 8.44
N ALA B 121 -35.61 19.94 8.24
CA ALA B 121 -36.26 19.28 7.10
C ALA B 121 -37.35 18.38 7.65
N ARG B 122 -38.60 18.57 7.23
CA ARG B 122 -39.70 17.80 7.87
C ARG B 122 -40.18 16.64 6.99
N THR B 123 -39.59 15.47 7.19
CA THR B 123 -40.07 14.27 6.46
C THR B 123 -41.34 13.79 7.17
N ARG B 124 -42.20 13.08 6.45
CA ARG B 124 -43.43 12.55 7.07
C ARG B 124 -43.12 11.89 8.41
N THR B 125 -41.95 11.26 8.55
CA THR B 125 -41.61 10.54 9.77
C THR B 125 -41.04 11.46 10.85
N ASN B 126 -40.15 12.38 10.47
CA ASN B 126 -39.50 13.23 11.50
C ASN B 126 -39.00 14.55 10.93
N GLU B 127 -38.64 15.50 11.79
CA GLU B 127 -38.05 16.78 11.33
C GLU B 127 -36.62 16.86 11.88
N GLN B 128 -35.63 17.02 11.01
CA GLN B 128 -34.22 16.98 11.48
C GLN B 128 -33.54 18.33 11.19
N VAL B 129 -32.96 18.95 12.21
CA VAL B 129 -32.26 20.26 12.05
C VAL B 129 -31.10 20.08 11.06
N VAL B 130 -30.95 21.01 10.14
CA VAL B 130 -29.88 20.92 9.10
C VAL B 130 -28.90 22.05 9.33
N ARG B 131 -29.32 23.28 9.04
CA ARG B 131 -28.44 24.45 9.21
C ARG B 131 -29.09 25.39 10.23
N SER B 132 -28.40 26.50 10.54
CA SER B 132 -28.96 27.47 11.50
C SER B 132 -28.94 28.85 10.86
N LEU B 133 -29.99 29.64 11.06
CA LEU B 133 -30.08 30.98 10.48
C LEU B 133 -30.00 31.98 11.62
N TYR B 134 -28.98 32.85 11.54
CA TYR B 134 -28.74 33.80 12.65
C TYR B 134 -29.51 35.09 12.41
N VAL B 135 -30.00 35.69 13.49
CA VAL B 135 -30.76 36.94 13.42
C VAL B 135 -30.17 37.95 14.39
N ILE B 136 -29.95 39.17 13.90
CA ILE B 136 -29.44 40.29 14.75
C ILE B 136 -30.59 41.28 14.87
N TYR B 137 -31.18 41.43 16.05
CA TYR B 137 -32.40 42.27 16.18
C TYR B 137 -32.21 43.43 17.17
N GLU B 138 -32.87 44.55 16.90
CA GLU B 138 -32.82 45.71 17.82
C GLU B 138 -34.26 46.07 18.17
N GLU B 139 -34.61 46.09 19.45
CA GLU B 139 -36.01 46.35 19.86
C GLU B 139 -36.40 47.77 19.46
N GLY B 140 -37.58 47.93 18.85
CA GLY B 140 -38.06 49.26 18.46
C GLY B 140 -39.42 49.19 17.79
N ASP B 141 -39.78 50.24 17.05
CA ASP B 141 -41.10 50.28 16.38
C ASP B 141 -40.93 50.88 14.99
N ASN B 142 -39.69 51.20 14.61
CA ASN B 142 -39.41 51.82 13.29
C ASN B 142 -39.87 50.87 12.17
N ILE B 143 -39.62 49.57 12.33
CA ILE B 143 -39.95 48.59 11.26
C ILE B 143 -40.92 47.54 11.81
N VAL B 144 -41.91 47.15 11.02
CA VAL B 144 -42.86 46.07 11.43
C VAL B 144 -43.20 45.23 10.20
N GLY B 145 -43.72 44.02 10.41
CA GLY B 145 -44.00 43.11 9.29
C GLY B 145 -45.39 42.55 9.33
N VAL B 146 -45.91 42.11 8.19
CA VAL B 146 -47.26 41.49 8.14
C VAL B 146 -47.41 40.77 6.79
N PRO B 147 -48.39 39.85 6.62
CA PRO B 147 -48.62 39.20 5.31
C PRO B 147 -48.93 40.23 4.22
#